data_6U8L
#
_entry.id   6U8L
#
_cell.length_a   134.650
_cell.length_b   47.082
_cell.length_c   113.052
_cell.angle_alpha   90.000
_cell.angle_beta   117.910
_cell.angle_gamma   90.000
#
_symmetry.space_group_name_H-M   'C 1 2 1'
#
loop_
_entity.id
_entity.type
_entity.pdbx_description
1 polymer 'WD repeat-containing protein 5'
2 non-polymer '3-{[(5-bromo-2-hydroxyphenyl)sulfonyl]amino}-5-cyclopropyl-6-fluoro-2-hydroxybenzoic acid'
3 non-polymer N-[2-(4-methylpiperazin-1-yl)-5-nitrophenyl]isoquinolin-1-amine
4 water water
#
_entity_poly.entity_id   1
_entity_poly.type   'polypeptide(L)'
_entity_poly.pdbx_seq_one_letter_code
;VKPNYALKFTLAGHTKAVSSVKFSPNGEWLASSSADKLIKIWGAYDGKFEKTISGHKLGISDVAWSSDSNLLVSASDDKT
LKIWDVSSGKCLKTLKGHSNYVFCCNFNPQSNLIVSGSFDESVRIWDVKTGKCLKTLPAHSDPVSAVHFNRDGSLIVSSS
YDGLCRIWDTASGQCLKTLIDDDNPPVSFVKFSPNGKYILAATLDNTLKLWDYSKGKCLKTYTGHKNEKYCIFANFSVTG
GKWIVSGSEDNLVYIWNLQTKEIVQKLQGHTDVVISTACHPTENIIASAALENDKTIKLWKSDC
;
_entity_poly.pdbx_strand_id   A,B
#
loop_
_chem_comp.id
_chem_comp.type
_chem_comp.name
_chem_comp.formula
Q1P non-polymer '3-{[(5-bromo-2-hydroxyphenyl)sulfonyl]amino}-5-cyclopropyl-6-fluoro-2-hydroxybenzoic acid' 'C16 H13 Br F N O6 S'
Q1S non-polymer N-[2-(4-methylpiperazin-1-yl)-5-nitrophenyl]isoquinolin-1-amine 'C20 H21 N5 O2'
#
# COMPACT_ATOMS: atom_id res chain seq x y z
N VAL A 1 -28.24 45.89 8.47
CA VAL A 1 -28.26 45.87 9.91
C VAL A 1 -27.99 44.47 10.46
N LYS A 2 -28.75 43.46 10.07
CA LYS A 2 -28.47 42.11 10.51
C LYS A 2 -28.72 41.10 9.40
N PRO A 3 -27.87 40.10 9.28
CA PRO A 3 -28.09 39.07 8.26
C PRO A 3 -29.24 38.16 8.64
N ASN A 4 -29.66 37.32 7.68
CA ASN A 4 -30.72 36.35 7.91
C ASN A 4 -30.33 35.01 7.27
N TYR A 5 -29.14 34.53 7.63
CA TYR A 5 -28.67 33.23 7.14
C TYR A 5 -29.65 32.14 7.50
N ALA A 6 -30.02 31.34 6.51
CA ALA A 6 -30.89 30.19 6.70
C ALA A 6 -30.27 28.98 6.03
N LEU A 7 -30.57 27.80 6.57
CA LEU A 7 -29.97 26.56 6.12
C LEU A 7 -30.47 26.20 4.72
N LYS A 8 -29.53 25.90 3.82
CA LYS A 8 -29.89 25.50 2.46
C LYS A 8 -29.54 24.06 2.14
N PHE A 9 -28.41 23.57 2.65
CA PHE A 9 -27.98 22.20 2.35
C PHE A 9 -27.21 21.65 3.52
N THR A 10 -27.35 20.34 3.72
CA THR A 10 -26.48 19.57 4.61
C THR A 10 -25.74 18.55 3.77
N LEU A 11 -24.41 18.58 3.85
CA LEU A 11 -23.53 17.79 3.00
C LEU A 11 -22.98 16.63 3.82
N ALA A 12 -23.44 15.41 3.52
CA ALA A 12 -23.04 14.21 4.24
C ALA A 12 -22.12 13.35 3.39
N GLY A 13 -21.15 12.71 4.05
CA GLY A 13 -20.24 11.85 3.32
C GLY A 13 -18.99 11.51 4.09
N HIS A 14 -18.45 12.48 4.82
CA HIS A 14 -17.31 12.20 5.67
C HIS A 14 -17.71 11.24 6.79
N THR A 15 -16.78 10.37 7.17
CA THR A 15 -17.07 9.33 8.16
C THR A 15 -16.43 9.62 9.52
N LYS A 16 -15.67 10.70 9.63
CA LYS A 16 -15.14 11.20 10.89
C LYS A 16 -15.33 12.71 10.91
N ALA A 17 -14.81 13.35 11.97
CA ALA A 17 -14.91 14.80 12.13
C ALA A 17 -14.44 15.53 10.88
N VAL A 18 -15.18 16.56 10.50
CA VAL A 18 -14.75 17.43 9.41
C VAL A 18 -13.93 18.54 10.02
N SER A 19 -12.74 18.80 9.48
CA SER A 19 -11.78 19.72 10.09
C SER A 19 -11.72 21.09 9.43
N SER A 20 -12.01 21.18 8.14
CA SER A 20 -11.80 22.43 7.42
C SER A 20 -12.68 22.44 6.18
N VAL A 21 -13.30 23.58 5.90
CA VAL A 21 -14.01 23.83 4.66
C VAL A 21 -13.49 25.12 4.06
N LYS A 22 -13.30 25.13 2.73
CA LYS A 22 -12.77 26.30 2.03
C LYS A 22 -13.49 26.44 0.68
N PHE A 23 -13.95 27.65 0.37
CA PHE A 23 -14.46 27.92 -0.97
C PHE A 23 -13.30 28.23 -1.93
N SER A 24 -13.40 27.71 -3.15
CA SER A 24 -12.42 28.05 -4.16
C SER A 24 -12.52 29.54 -4.48
N PRO A 25 -11.40 30.18 -4.86
CA PRO A 25 -11.43 31.61 -5.14
C PRO A 25 -12.41 32.01 -6.22
N ASN A 26 -12.67 31.13 -7.19
CA ASN A 26 -13.63 31.45 -8.25
C ASN A 26 -15.07 31.18 -7.83
N GLY A 27 -15.30 30.76 -6.58
CA GLY A 27 -16.63 30.55 -6.04
C GLY A 27 -17.30 29.25 -6.40
N GLU A 28 -16.76 28.47 -7.29
CA GLU A 28 -17.44 27.30 -7.76
C GLU A 28 -17.53 26.10 -6.85
N TRP A 29 -16.48 25.92 -6.05
CA TRP A 29 -16.36 24.70 -5.27
C TRP A 29 -16.23 24.98 -3.79
N LEU A 30 -16.63 24.00 -3.00
CA LEU A 30 -16.25 23.88 -1.60
C LEU A 30 -15.38 22.64 -1.44
N ALA A 31 -14.23 22.80 -0.82
CA ALA A 31 -13.39 21.66 -0.44
C ALA A 31 -13.50 21.44 1.05
N SER A 32 -13.54 20.17 1.46
CA SER A 32 -13.57 19.80 2.86
C SER A 32 -12.50 18.76 3.16
N SER A 33 -11.97 18.83 4.37
CA SER A 33 -11.02 17.84 4.86
C SER A 33 -11.56 17.22 6.15
N SER A 34 -11.03 16.04 6.48
CA SER A 34 -11.58 15.30 7.61
C SER A 34 -10.55 14.38 8.23
N ALA A 35 -10.82 14.01 9.48
CA ALA A 35 -10.04 12.96 10.12
C ALA A 35 -10.14 11.61 9.41
N ASP A 36 -11.10 11.44 8.51
CA ASP A 36 -11.23 10.20 7.75
C ASP A 36 -10.19 10.08 6.63
N LYS A 37 -9.20 10.97 6.57
CA LYS A 37 -8.08 10.98 5.61
C LYS A 37 -8.50 11.46 4.22
N LEU A 38 -9.72 11.95 4.05
CA LEU A 38 -10.25 12.27 2.73
C LEU A 38 -10.45 13.76 2.57
N ILE A 39 -10.31 14.20 1.32
CA ILE A 39 -10.75 15.50 0.86
C ILE A 39 -11.96 15.27 -0.01
N LYS A 40 -12.99 16.09 0.17
CA LYS A 40 -14.16 16.01 -0.69
C LYS A 40 -14.44 17.36 -1.32
N ILE A 41 -14.93 17.33 -2.56
CA ILE A 41 -15.24 18.52 -3.34
C ILE A 41 -16.73 18.54 -3.54
N TRP A 42 -17.35 19.71 -3.34
CA TRP A 42 -18.79 19.88 -3.44
C TRP A 42 -19.10 21.13 -4.25
N GLY A 43 -20.21 21.09 -4.97
CA GLY A 43 -20.67 22.31 -5.63
C GLY A 43 -21.05 23.37 -4.62
N ALA A 44 -20.53 24.58 -4.78
CA ALA A 44 -20.77 25.63 -3.78
C ALA A 44 -22.23 26.09 -3.77
N TYR A 45 -22.92 25.96 -4.89
CA TYR A 45 -24.25 26.57 -5.05
C TYR A 45 -25.38 25.56 -4.97
N ASP A 46 -25.14 24.31 -5.39
CA ASP A 46 -26.15 23.28 -5.28
C ASP A 46 -25.80 22.22 -4.24
N GLY A 47 -24.65 22.35 -3.57
CA GLY A 47 -24.26 21.41 -2.54
C GLY A 47 -23.97 20.01 -3.04
N LYS A 48 -23.87 19.82 -4.35
N LYS A 48 -23.88 19.82 -4.35
CA LYS A 48 -23.78 18.49 -4.93
CA LYS A 48 -23.80 18.47 -4.91
C LYS A 48 -22.38 17.92 -4.77
C LYS A 48 -22.39 17.92 -4.79
N PHE A 49 -22.29 16.71 -4.24
CA PHE A 49 -21.00 16.04 -4.12
C PHE A 49 -20.37 15.84 -5.48
N GLU A 50 -19.09 16.18 -5.59
CA GLU A 50 -18.36 16.09 -6.85
C GLU A 50 -17.38 14.94 -6.86
N LYS A 51 -16.45 14.88 -5.91
CA LYS A 51 -15.46 13.81 -5.92
C LYS A 51 -14.78 13.72 -4.56
N THR A 52 -14.17 12.57 -4.32
CA THR A 52 -13.31 12.33 -3.17
C THR A 52 -11.87 12.28 -3.64
N ILE A 53 -10.99 12.94 -2.89
CA ILE A 53 -9.56 12.98 -3.20
C ILE A 53 -8.83 12.28 -2.07
N SER A 54 -8.11 11.20 -2.40
N SER A 54 -8.12 11.20 -2.41
CA SER A 54 -7.57 10.30 -1.40
CA SER A 54 -7.56 10.28 -1.44
C SER A 54 -6.08 10.07 -1.60
C SER A 54 -6.04 10.20 -1.58
N GLY A 55 -5.38 9.81 -0.49
CA GLY A 55 -3.95 9.57 -0.55
C GLY A 55 -3.21 9.75 0.76
N HIS A 56 -3.67 10.65 1.63
CA HIS A 56 -3.02 10.80 2.92
C HIS A 56 -3.18 9.51 3.73
N LYS A 57 -2.18 9.21 4.56
N LYS A 57 -2.18 9.22 4.56
CA LYS A 57 -2.18 8.00 5.36
CA LYS A 57 -2.18 8.00 5.37
C LYS A 57 -2.82 8.17 6.73
C LYS A 57 -2.85 8.17 6.72
N LEU A 58 -3.05 9.42 7.16
CA LEU A 58 -3.72 9.72 8.42
C LEU A 58 -4.63 10.92 8.17
N GLY A 59 -5.30 11.36 9.24
CA GLY A 59 -6.30 12.41 9.11
C GLY A 59 -5.71 13.74 8.65
N ILE A 60 -6.61 14.59 8.17
CA ILE A 60 -6.25 15.88 7.57
C ILE A 60 -6.88 17.00 8.40
N SER A 61 -6.06 18.01 8.75
N SER A 61 -6.08 18.02 8.73
CA SER A 61 -6.50 19.16 9.54
CA SER A 61 -6.56 19.13 9.54
C SER A 61 -6.96 20.33 8.69
C SER A 61 -6.84 20.40 8.75
N ASP A 62 -6.38 20.50 7.51
CA ASP A 62 -6.59 21.74 6.77
C ASP A 62 -6.42 21.51 5.29
N VAL A 63 -7.00 22.43 4.52
N VAL A 63 -7.10 22.35 4.51
CA VAL A 63 -6.94 22.39 3.07
CA VAL A 63 -6.96 22.40 3.05
C VAL A 63 -7.01 23.83 2.59
C VAL A 63 -6.91 23.87 2.64
N ALA A 64 -6.35 24.11 1.46
CA ALA A 64 -6.30 25.48 0.94
C ALA A 64 -6.18 25.44 -0.58
N TRP A 65 -6.75 26.48 -1.22
CA TRP A 65 -6.81 26.58 -2.67
C TRP A 65 -5.73 27.49 -3.24
N SER A 66 -5.23 27.14 -4.43
CA SER A 66 -4.45 28.08 -5.22
C SER A 66 -5.35 29.17 -5.80
N SER A 67 -4.74 30.28 -6.22
N SER A 67 -4.73 30.28 -6.20
CA SER A 67 -5.50 31.45 -6.65
CA SER A 67 -5.49 31.45 -6.66
C SER A 67 -6.27 31.20 -7.94
C SER A 67 -6.32 31.14 -7.89
N ASP A 68 -5.86 30.25 -8.76
CA ASP A 68 -6.59 29.92 -9.98
C ASP A 68 -7.62 28.83 -9.78
N SER A 69 -7.86 28.40 -8.54
CA SER A 69 -8.86 27.41 -8.18
C SER A 69 -8.57 26.03 -8.77
N ASN A 70 -7.35 25.80 -9.26
CA ASN A 70 -7.01 24.53 -9.89
C ASN A 70 -6.27 23.58 -8.97
N LEU A 71 -5.55 24.07 -7.97
CA LEU A 71 -4.77 23.25 -7.06
C LEU A 71 -5.30 23.35 -5.64
N LEU A 72 -5.04 22.29 -4.88
CA LEU A 72 -5.35 22.24 -3.47
C LEU A 72 -4.10 21.77 -2.74
N VAL A 73 -3.90 22.27 -1.52
CA VAL A 73 -2.88 21.72 -0.62
C VAL A 73 -3.59 21.27 0.65
N SER A 74 -3.13 20.15 1.21
CA SER A 74 -3.73 19.60 2.42
C SER A 74 -2.64 19.37 3.45
N ALA A 75 -3.00 19.47 4.72
CA ALA A 75 -2.07 19.33 5.84
C ALA A 75 -2.53 18.16 6.71
N SER A 76 -1.65 17.19 6.97
CA SER A 76 -2.06 15.90 7.53
C SER A 76 -1.26 15.47 8.76
N ASP A 77 -1.91 14.63 9.57
CA ASP A 77 -1.25 13.96 10.69
C ASP A 77 -0.14 13.02 10.23
N ASP A 78 -0.09 12.67 8.93
CA ASP A 78 0.99 11.84 8.43
C ASP A 78 2.30 12.62 8.23
N LYS A 79 2.36 13.84 8.72
CA LYS A 79 3.51 14.70 8.68
C LYS A 79 3.84 15.36 7.35
N THR A 80 2.97 15.13 6.40
CA THR A 80 3.17 15.70 5.07
C THR A 80 2.09 16.70 4.73
N LEU A 81 2.39 17.53 3.75
CA LEU A 81 1.36 18.19 2.95
C LEU A 81 1.36 17.55 1.58
N LYS A 82 0.21 17.59 0.92
CA LYS A 82 0.10 17.12 -0.45
C LYS A 82 -0.49 18.22 -1.31
N ILE A 83 0.06 18.38 -2.51
CA ILE A 83 -0.49 19.28 -3.53
C ILE A 83 -1.29 18.44 -4.51
N TRP A 84 -2.52 18.85 -4.78
CA TRP A 84 -3.45 18.08 -5.59
C TRP A 84 -3.90 18.88 -6.81
N ASP A 85 -4.03 18.18 -7.94
CA ASP A 85 -4.75 18.70 -9.09
C ASP A 85 -6.22 18.37 -8.89
N VAL A 86 -7.05 19.39 -8.69
CA VAL A 86 -8.45 19.12 -8.34
C VAL A 86 -9.19 18.46 -9.50
N SER A 87 -8.90 18.86 -10.75
N SER A 87 -8.90 18.87 -10.74
CA SER A 87 -9.63 18.31 -11.89
CA SER A 87 -9.61 18.31 -11.88
C SER A 87 -9.35 16.81 -12.07
C SER A 87 -9.35 16.82 -12.04
N SER A 88 -8.12 16.38 -11.82
CA SER A 88 -7.78 14.96 -11.97
C SER A 88 -7.83 14.19 -10.66
N GLY A 89 -7.82 14.86 -9.52
CA GLY A 89 -7.73 14.20 -8.23
C GLY A 89 -6.36 13.66 -7.88
N LYS A 90 -5.36 13.89 -8.72
CA LYS A 90 -4.06 13.28 -8.52
C LYS A 90 -3.19 14.11 -7.60
N CYS A 91 -2.40 13.42 -6.78
CA CYS A 91 -1.37 14.07 -5.98
C CYS A 91 -0.19 14.45 -6.86
N LEU A 92 0.10 15.75 -6.94
CA LEU A 92 1.22 16.26 -7.73
C LEU A 92 2.55 16.24 -6.98
N LYS A 93 2.53 16.59 -5.69
CA LYS A 93 3.73 16.61 -4.86
C LYS A 93 3.35 16.23 -3.45
N THR A 94 4.29 15.58 -2.75
CA THR A 94 4.18 15.36 -1.32
C THR A 94 5.29 16.15 -0.65
N LEU A 95 4.91 17.05 0.26
CA LEU A 95 5.83 18.00 0.88
C LEU A 95 6.31 17.40 2.20
N LYS A 96 7.56 16.97 2.24
CA LYS A 96 8.11 16.26 3.38
C LYS A 96 9.14 17.11 4.10
N GLY A 97 9.09 17.10 5.43
CA GLY A 97 10.03 17.88 6.21
C GLY A 97 9.61 18.07 7.65
N HIS A 98 8.32 18.34 7.87
CA HIS A 98 7.83 18.43 9.25
C HIS A 98 8.06 17.10 9.97
N SER A 99 8.30 17.20 11.27
CA SER A 99 8.59 16.05 12.10
C SER A 99 7.40 15.61 12.96
N ASN A 100 6.25 16.24 12.77
CA ASN A 100 5.03 15.82 13.46
C ASN A 100 3.83 16.32 12.67
N TYR A 101 2.64 16.21 13.26
CA TYR A 101 1.40 16.56 12.57
C TYR A 101 1.49 17.94 11.93
N VAL A 102 1.00 18.05 10.70
CA VAL A 102 0.86 19.35 10.03
C VAL A 102 -0.58 19.81 10.23
N PHE A 103 -0.76 21.00 10.78
CA PHE A 103 -2.07 21.47 11.21
C PHE A 103 -2.70 22.51 10.29
N CYS A 104 -1.90 23.29 9.55
CA CYS A 104 -2.45 24.42 8.82
C CYS A 104 -1.62 24.68 7.57
N CYS A 105 -2.27 25.25 6.56
CA CYS A 105 -1.61 25.51 5.28
C CYS A 105 -2.33 26.61 4.51
N ASN A 106 -1.58 27.25 3.61
CA ASN A 106 -2.12 28.27 2.72
C ASN A 106 -1.15 28.48 1.56
N PHE A 107 -1.71 28.77 0.39
CA PHE A 107 -0.97 29.33 -0.75
C PHE A 107 -0.79 30.82 -0.56
N ASN A 108 0.26 31.38 -1.16
CA ASN A 108 0.33 32.84 -1.30
C ASN A 108 -0.50 33.26 -2.50
N PRO A 109 -0.77 34.57 -2.63
CA PRO A 109 -1.59 35.02 -3.77
C PRO A 109 -1.03 34.63 -5.14
N GLN A 110 0.29 34.70 -5.31
CA GLN A 110 0.87 34.22 -6.57
C GLN A 110 0.68 32.72 -6.73
N SER A 111 0.62 32.01 -5.61
CA SER A 111 0.46 30.55 -5.52
C SER A 111 1.69 29.79 -5.98
N ASN A 112 2.86 30.45 -5.98
CA ASN A 112 4.13 29.76 -6.14
C ASN A 112 4.69 29.26 -4.82
N LEU A 113 4.14 29.71 -3.69
CA LEU A 113 4.59 29.27 -2.38
C LEU A 113 3.43 28.68 -1.57
N ILE A 114 3.78 27.77 -0.68
CA ILE A 114 2.87 27.27 0.35
C ILE A 114 3.51 27.48 1.71
N VAL A 115 2.72 27.93 2.67
CA VAL A 115 3.17 28.05 4.06
C VAL A 115 2.41 27.01 4.88
N SER A 116 3.10 26.41 5.86
CA SER A 116 2.51 25.38 6.70
C SER A 116 2.95 25.60 8.14
N GLY A 117 2.12 25.12 9.06
CA GLY A 117 2.45 25.11 10.48
C GLY A 117 2.14 23.77 11.07
N SER A 118 2.92 23.41 12.10
CA SER A 118 2.94 22.02 12.57
C SER A 118 2.99 21.93 14.10
N PHE A 119 2.59 20.76 14.60
CA PHE A 119 2.81 20.39 15.99
C PHE A 119 4.29 20.49 16.34
N ASP A 120 5.17 20.35 15.35
CA ASP A 120 6.61 20.38 15.61
C ASP A 120 7.12 21.79 15.91
N GLU A 121 6.24 22.79 15.96
CA GLU A 121 6.50 24.16 16.41
C GLU A 121 7.17 25.01 15.33
N SER A 122 7.29 24.51 14.11
CA SER A 122 7.90 25.26 13.03
C SER A 122 6.85 25.73 12.04
N VAL A 123 7.24 26.76 11.28
CA VAL A 123 6.54 27.22 10.10
C VAL A 123 7.46 26.97 8.92
N ARG A 124 6.95 26.33 7.87
N ARG A 124 6.95 26.35 7.86
CA ARG A 124 7.77 26.04 6.71
CA ARG A 124 7.76 26.03 6.70
C ARG A 124 7.18 26.74 5.49
C ARG A 124 7.18 26.69 5.46
N ILE A 125 8.07 27.14 4.58
CA ILE A 125 7.71 27.78 3.33
C ILE A 125 8.17 26.86 2.20
N TRP A 126 7.25 26.48 1.32
CA TRP A 126 7.51 25.47 0.30
C TRP A 126 7.39 26.06 -1.10
N ASP A 127 8.23 25.55 -2.01
CA ASP A 127 8.12 25.89 -3.42
C ASP A 127 7.13 24.94 -4.08
N VAL A 128 6.06 25.50 -4.65
CA VAL A 128 5.00 24.67 -5.23
C VAL A 128 5.52 23.84 -6.41
N LYS A 129 6.30 24.44 -7.27
CA LYS A 129 6.76 23.75 -8.45
C LYS A 129 7.64 22.56 -8.20
N THR A 130 8.60 22.70 -7.30
CA THR A 130 9.51 21.61 -7.01
C THR A 130 9.07 20.74 -5.84
N GLY A 131 8.19 21.25 -4.99
CA GLY A 131 7.80 20.54 -3.79
C GLY A 131 8.83 20.54 -2.69
N LYS A 132 9.89 21.34 -2.82
CA LYS A 132 10.94 21.37 -1.82
C LYS A 132 10.71 22.48 -0.81
N CYS A 133 11.21 22.26 0.40
CA CYS A 133 11.10 23.26 1.45
C CYS A 133 12.13 24.36 1.21
N LEU A 134 11.66 25.61 1.10
CA LEU A 134 12.58 26.74 0.92
C LEU A 134 13.13 27.24 2.24
N LYS A 135 12.30 27.31 3.27
CA LYS A 135 12.72 27.84 4.56
C LYS A 135 12.00 27.09 5.67
N THR A 136 12.72 26.86 6.76
CA THR A 136 12.13 26.38 8.00
C THR A 136 12.30 27.46 9.06
N LEU A 137 11.19 28.01 9.53
CA LEU A 137 11.22 29.07 10.53
C LEU A 137 11.05 28.46 11.92
N PRO A 138 12.00 28.70 12.89
CA PRO A 138 11.79 28.25 14.28
C PRO A 138 10.78 29.17 14.97
N ALA A 139 9.52 29.02 14.56
CA ALA A 139 8.55 30.11 14.73
C ALA A 139 8.04 30.22 16.15
N HIS A 140 7.86 29.09 16.84
CA HIS A 140 7.11 29.06 18.08
C HIS A 140 7.69 28.00 19.02
N SER A 141 7.21 28.00 20.26
CA SER A 141 7.66 27.05 21.28
C SER A 141 6.54 26.11 21.72
N ASP A 142 5.50 25.98 20.90
CA ASP A 142 4.38 25.07 21.10
C ASP A 142 3.71 24.91 19.75
N PRO A 143 2.76 23.98 19.60
CA PRO A 143 2.17 23.75 18.28
C PRO A 143 1.64 25.01 17.61
N VAL A 144 1.85 25.07 16.29
CA VAL A 144 1.39 26.17 15.45
C VAL A 144 -0.03 25.86 14.98
N SER A 145 -0.95 26.78 15.29
CA SER A 145 -2.37 26.56 15.03
C SER A 145 -2.87 27.14 13.71
N ALA A 146 -2.20 28.15 13.17
CA ALA A 146 -2.64 28.79 11.93
C ALA A 146 -1.47 29.53 11.28
N VAL A 147 -1.51 29.62 9.94
CA VAL A 147 -0.56 30.37 9.14
C VAL A 147 -1.34 31.01 7.98
N HIS A 148 -0.94 32.22 7.59
CA HIS A 148 -1.69 32.95 6.57
C HIS A 148 -0.80 33.99 5.93
N PHE A 149 -0.86 34.10 4.61
CA PHE A 149 -0.19 35.18 3.88
C PHE A 149 -1.08 36.41 3.84
N ASN A 150 -0.45 37.59 3.79
CA ASN A 150 -1.21 38.83 3.60
C ASN A 150 -1.60 39.00 2.13
N ARG A 151 -2.07 40.22 1.81
CA ARG A 151 -2.74 40.51 0.55
C ARG A 151 -1.88 40.19 -0.66
N ASP A 152 -0.57 40.48 -0.57
CA ASP A 152 0.35 40.28 -1.68
C ASP A 152 1.37 39.18 -1.41
N GLY A 153 1.24 38.47 -0.30
CA GLY A 153 2.17 37.42 0.06
C GLY A 153 3.47 37.87 0.66
N SER A 154 3.66 39.19 0.87
CA SER A 154 4.94 39.68 1.40
C SER A 154 5.13 39.36 2.88
N LEU A 155 4.05 39.05 3.59
CA LEU A 155 4.08 38.76 5.02
C LEU A 155 3.35 37.46 5.29
N ILE A 156 3.77 36.79 6.37
CA ILE A 156 3.10 35.62 6.93
C ILE A 156 2.76 35.96 8.37
N VAL A 157 1.55 35.59 8.81
CA VAL A 157 1.21 35.63 10.22
C VAL A 157 1.02 34.20 10.73
N SER A 158 1.57 33.91 11.92
CA SER A 158 1.44 32.60 12.53
C SER A 158 0.91 32.75 13.95
N SER A 159 0.25 31.69 14.44
CA SER A 159 -0.27 31.67 15.79
C SER A 159 0.08 30.34 16.45
N SER A 160 0.13 30.35 17.78
CA SER A 160 0.61 29.16 18.47
C SER A 160 0.00 29.05 19.86
N TYR A 161 -0.04 27.80 20.34
CA TYR A 161 -0.35 27.51 21.74
C TYR A 161 0.63 28.17 22.71
N ASP A 162 1.78 28.66 22.23
CA ASP A 162 2.69 29.37 23.13
C ASP A 162 2.16 30.75 23.51
N GLY A 163 1.03 31.16 22.94
CA GLY A 163 0.39 32.41 23.29
C GLY A 163 0.78 33.57 22.40
N LEU A 164 1.57 33.33 21.36
CA LEU A 164 2.09 34.40 20.55
C LEU A 164 1.49 34.39 19.16
N CYS A 165 1.36 35.60 18.62
CA CYS A 165 1.16 35.82 17.20
CA CYS A 165 1.16 35.83 17.21
C CYS A 165 2.44 36.44 16.66
N ARG A 166 2.94 35.92 15.54
CA ARG A 166 4.16 36.47 14.96
C ARG A 166 3.97 36.80 13.49
N ILE A 167 4.59 37.90 13.06
CA ILE A 167 4.58 38.36 11.68
C ILE A 167 5.96 38.14 11.08
N TRP A 168 6.00 37.50 9.93
CA TRP A 168 7.25 37.10 9.27
C TRP A 168 7.34 37.77 7.90
N ASP A 169 8.56 38.19 7.56
CA ASP A 169 8.86 38.63 6.19
C ASP A 169 9.05 37.41 5.32
N THR A 170 8.19 37.23 4.31
CA THR A 170 8.23 36.02 3.50
C THR A 170 9.58 35.83 2.81
N ALA A 171 10.12 36.89 2.22
CA ALA A 171 11.30 36.75 1.40
C ALA A 171 12.52 36.33 2.22
N SER A 172 12.67 36.90 3.42
CA SER A 172 13.84 36.63 4.25
C SER A 172 13.58 35.63 5.37
N GLY A 173 12.33 35.40 5.73
CA GLY A 173 12.00 34.56 6.86
C GLY A 173 12.22 35.19 8.22
N GLN A 174 12.62 36.45 8.28
N GLN A 174 12.63 36.46 8.27
CA GLN A 174 12.89 37.10 9.55
CA GLN A 174 12.86 37.12 9.54
C GLN A 174 11.58 37.56 10.20
C GLN A 174 11.54 37.49 10.20
N CYS A 175 11.57 37.53 11.54
CA CYS A 175 10.40 37.93 12.31
C CYS A 175 10.32 39.45 12.38
N LEU A 176 9.21 40.01 11.92
CA LEU A 176 9.04 41.46 11.93
C LEU A 176 8.34 41.98 13.18
N LYS A 177 7.46 41.18 13.78
N LYS A 177 7.48 41.18 13.80
CA LYS A 177 6.69 41.61 14.94
CA LYS A 177 6.73 41.62 14.97
C LYS A 177 6.26 40.38 15.74
C LYS A 177 6.22 40.42 15.73
N THR A 178 6.26 40.52 17.06
CA THR A 178 5.64 39.54 17.95
C THR A 178 4.56 40.28 18.74
N LEU A 179 3.34 39.80 18.66
CA LEU A 179 2.28 40.39 19.40
C LEU A 179 2.05 39.57 20.69
N ILE A 180 2.15 40.27 21.79
CA ILE A 180 1.89 39.67 23.08
C ILE A 180 0.80 40.42 23.84
N ASP A 181 -0.02 39.68 24.56
CA ASP A 181 -1.13 40.21 25.31
C ASP A 181 -0.66 40.44 26.73
N ASP A 182 -0.94 39.49 27.62
CA ASP A 182 -0.56 39.68 28.99
C ASP A 182 -0.59 38.33 29.66
N ASP A 183 -1.77 37.72 29.67
CA ASP A 183 -1.89 36.45 30.32
C ASP A 183 -1.71 35.29 29.34
N ASN A 184 -1.17 35.58 28.16
CA ASN A 184 -0.83 34.66 27.07
C ASN A 184 -1.54 33.34 26.91
N PRO A 185 -2.85 33.37 26.72
CA PRO A 185 -3.58 32.15 26.48
C PRO A 185 -3.23 31.65 25.07
N PRO A 186 -3.43 30.36 24.84
CA PRO A 186 -3.12 29.82 23.52
C PRO A 186 -3.88 30.54 22.39
N VAL A 187 -3.12 30.93 21.37
CA VAL A 187 -3.72 31.54 20.19
C VAL A 187 -4.06 30.42 19.21
N SER A 188 -5.34 30.26 18.94
CA SER A 188 -5.86 29.10 18.22
C SER A 188 -6.13 29.36 16.76
N PHE A 189 -6.11 30.63 16.33
CA PHE A 189 -6.40 30.99 14.95
C PHE A 189 -5.88 32.40 14.71
N VAL A 190 -5.40 32.63 13.48
CA VAL A 190 -5.04 33.99 13.07
C VAL A 190 -5.18 34.09 11.55
N LYS A 191 -5.54 35.28 11.07
CA LYS A 191 -5.53 35.57 9.65
C LYS A 191 -5.46 37.08 9.46
N PHE A 192 -4.89 37.51 8.33
CA PHE A 192 -4.89 38.90 7.95
C PHE A 192 -6.28 39.35 7.52
N SER A 193 -6.56 40.63 7.72
CA SER A 193 -7.81 41.24 7.32
C SER A 193 -7.84 41.45 5.80
N PRO A 194 -9.03 41.68 5.22
CA PRO A 194 -9.10 41.89 3.76
C PRO A 194 -8.20 43.01 3.26
N ASN A 195 -8.07 44.10 3.99
CA ASN A 195 -7.22 45.20 3.55
C ASN A 195 -5.76 45.02 3.97
N GLY A 196 -5.42 43.92 4.64
CA GLY A 196 -4.06 43.59 5.01
C GLY A 196 -3.53 44.37 6.20
N LYS A 197 -4.33 45.29 6.73
CA LYS A 197 -3.89 46.16 7.82
C LYS A 197 -4.00 45.50 9.17
N TYR A 198 -4.98 44.60 9.36
CA TYR A 198 -5.30 44.06 10.66
C TYR A 198 -5.10 42.55 10.67
N ILE A 199 -5.10 42.02 11.88
N ILE A 199 -5.07 41.99 11.88
CA ILE A 199 -5.06 40.57 12.08
CA ILE A 199 -5.04 40.55 12.05
C ILE A 199 -6.20 40.20 13.01
C ILE A 199 -6.14 40.14 13.02
N LEU A 200 -6.94 39.16 12.64
CA LEU A 200 -8.00 38.60 13.45
C LEU A 200 -7.43 37.38 14.17
N ALA A 201 -7.48 37.39 15.50
CA ALA A 201 -6.85 36.33 16.29
C ALA A 201 -7.83 35.78 17.31
N ALA A 202 -7.92 34.44 17.39
CA ALA A 202 -8.71 33.77 18.43
C ALA A 202 -7.77 33.24 19.51
N THR A 203 -8.21 33.36 20.76
CA THR A 203 -7.52 32.78 21.88
C THR A 203 -8.47 31.86 22.63
N LEU A 204 -7.91 30.85 23.31
CA LEU A 204 -8.72 29.82 23.97
C LEU A 204 -9.29 30.29 25.32
N ASP A 205 -9.65 31.57 25.37
CA ASP A 205 -10.42 32.15 26.47
C ASP A 205 -11.71 32.75 25.94
N ASN A 206 -12.28 32.13 24.91
CA ASN A 206 -13.58 32.50 24.36
C ASN A 206 -13.57 33.92 23.78
N THR A 207 -12.47 34.29 23.12
CA THR A 207 -12.27 35.67 22.70
C THR A 207 -11.68 35.74 21.30
N LEU A 208 -12.27 36.56 20.45
CA LEU A 208 -11.68 36.97 19.18
C LEU A 208 -11.25 38.43 19.27
N LYS A 209 -10.10 38.74 18.66
CA LYS A 209 -9.56 40.10 18.71
C LYS A 209 -9.09 40.53 17.34
N LEU A 210 -9.36 41.79 16.99
CA LEU A 210 -8.84 42.41 15.78
C LEU A 210 -7.69 43.34 16.16
N TRP A 211 -6.50 43.05 15.67
CA TRP A 211 -5.28 43.78 16.01
C TRP A 211 -4.79 44.61 14.84
N ASP A 212 -4.42 45.86 15.11
CA ASP A 212 -3.58 46.62 14.17
C ASP A 212 -2.14 46.17 14.39
N TYR A 213 -1.58 45.40 13.47
CA TYR A 213 -0.25 44.89 13.71
C TYR A 213 0.87 45.90 13.55
N SER A 214 0.70 46.90 12.76
CA SER A 214 1.78 47.84 12.71
C SER A 214 1.85 48.67 14.00
N LYS A 215 0.72 49.00 14.60
CA LYS A 215 0.75 49.70 15.88
C LYS A 215 0.72 48.77 17.08
N GLY A 216 0.47 47.47 16.89
CA GLY A 216 0.40 46.55 18.01
C GLY A 216 -0.73 46.83 18.98
N LYS A 217 -1.87 47.34 18.50
CA LYS A 217 -2.98 47.73 19.34
C LYS A 217 -4.23 46.93 18.99
N CYS A 218 -4.97 46.52 20.02
CA CYS A 218 -6.23 45.81 19.81
C CYS A 218 -7.33 46.82 19.51
N LEU A 219 -8.01 46.64 18.38
CA LEU A 219 -9.07 47.55 17.96
C LEU A 219 -10.47 47.06 18.31
N LYS A 220 -10.71 45.75 18.25
CA LYS A 220 -12.03 45.20 18.50
C LYS A 220 -11.88 43.89 19.25
N THR A 221 -12.88 43.57 20.07
CA THR A 221 -12.97 42.29 20.75
C THR A 221 -14.37 41.73 20.55
N TYR A 222 -14.46 40.45 20.18
CA TYR A 222 -15.73 39.80 19.91
C TYR A 222 -15.87 38.62 20.88
N THR A 223 -16.97 38.61 21.65
CA THR A 223 -17.16 37.61 22.69
C THR A 223 -18.59 37.09 22.67
N GLY A 224 -18.88 36.15 23.56
CA GLY A 224 -20.20 35.55 23.67
C GLY A 224 -20.27 34.11 23.18
N HIS A 225 -19.33 33.70 22.35
CA HIS A 225 -19.26 32.32 21.87
C HIS A 225 -18.43 31.49 22.85
N LYS A 226 -18.30 30.22 22.57
N LYS A 226 -18.30 30.20 22.56
CA LYS A 226 -17.53 29.31 23.37
CA LYS A 226 -17.54 29.27 23.40
C LYS A 226 -16.32 28.79 22.58
C LYS A 226 -16.35 28.75 22.61
N ASN A 227 -15.14 29.04 23.11
CA ASN A 227 -13.93 28.57 22.43
C ASN A 227 -12.82 28.50 23.49
N GLU A 228 -12.70 27.33 24.12
CA GLU A 228 -11.68 27.09 25.11
C GLU A 228 -10.86 25.83 24.85
N LYS A 229 -11.14 25.09 23.78
CA LYS A 229 -10.55 23.76 23.61
C LYS A 229 -10.01 23.54 22.20
N TYR A 230 -10.77 23.93 21.18
CA TYR A 230 -10.43 23.59 19.80
C TYR A 230 -9.94 24.80 19.04
N CYS A 231 -9.12 24.56 18.02
CA CYS A 231 -8.68 25.63 17.13
C CYS A 231 -9.76 25.82 16.08
N ILE A 232 -10.60 26.83 16.30
CA ILE A 232 -11.77 27.11 15.49
C ILE A 232 -11.45 28.24 14.53
N PHE A 233 -11.72 28.03 13.25
CA PHE A 233 -11.45 29.02 12.22
C PHE A 233 -12.44 30.20 12.34
N ALA A 234 -11.99 31.38 11.95
CA ALA A 234 -12.84 32.56 11.90
C ALA A 234 -12.68 33.24 10.54
N ASN A 235 -13.64 34.10 10.19
CA ASN A 235 -13.63 34.72 8.87
C ASN A 235 -14.14 36.16 8.92
N PHE A 236 -13.70 36.93 7.94
CA PHE A 236 -14.34 38.18 7.56
C PHE A 236 -15.36 37.91 6.47
N SER A 237 -16.57 38.44 6.63
CA SER A 237 -17.62 38.30 5.61
C SER A 237 -17.67 39.61 4.81
N VAL A 238 -17.32 39.55 3.53
CA VAL A 238 -17.05 40.74 2.73
C VAL A 238 -18.06 40.96 1.60
N THR A 239 -19.06 40.09 1.46
CA THR A 239 -19.97 40.16 0.32
C THR A 239 -21.18 41.04 0.56
N GLY A 240 -21.68 41.08 1.79
CA GLY A 240 -22.80 41.93 2.14
C GLY A 240 -22.44 42.84 3.29
N GLY A 241 -23.17 42.75 4.40
CA GLY A 241 -22.79 43.49 5.58
C GLY A 241 -21.44 43.04 6.10
N LYS A 242 -20.77 43.94 6.83
CA LYS A 242 -19.43 43.64 7.31
C LYS A 242 -19.53 42.85 8.61
N TRP A 243 -19.30 41.54 8.52
CA TRP A 243 -19.42 40.67 9.68
C TRP A 243 -18.11 39.94 9.97
N ILE A 244 -18.01 39.49 11.23
CA ILE A 244 -17.07 38.48 11.65
C ILE A 244 -17.86 37.20 11.86
N VAL A 245 -17.33 36.07 11.37
CA VAL A 245 -18.00 34.78 11.45
C VAL A 245 -17.07 33.78 12.13
N SER A 246 -17.62 32.98 13.05
CA SER A 246 -16.83 31.93 13.68
C SER A 246 -17.74 30.79 14.14
N GLY A 247 -17.19 29.58 14.14
CA GLY A 247 -17.80 28.48 14.84
C GLY A 247 -17.63 28.61 16.36
N SER A 248 -18.18 27.64 17.07
CA SER A 248 -18.26 27.72 18.51
C SER A 248 -18.45 26.33 19.10
N GLU A 249 -18.02 26.15 20.34
CA GLU A 249 -18.07 24.86 21.02
C GLU A 249 -19.45 24.57 21.61
N ASP A 250 -20.40 25.50 21.48
CA ASP A 250 -21.80 25.21 21.78
C ASP A 250 -22.59 24.83 20.52
N ASN A 251 -21.89 24.41 19.45
CA ASN A 251 -22.46 23.88 18.23
C ASN A 251 -23.13 24.94 17.35
N LEU A 252 -22.84 26.22 17.57
CA LEU A 252 -23.45 27.29 16.82
C LEU A 252 -22.42 28.01 15.95
N VAL A 253 -22.92 28.63 14.88
CA VAL A 253 -22.15 29.62 14.13
C VAL A 253 -22.52 31.00 14.66
N TYR A 254 -21.51 31.77 15.05
CA TYR A 254 -21.72 33.13 15.54
C TYR A 254 -21.35 34.14 14.46
N ILE A 255 -22.15 35.20 14.37
CA ILE A 255 -21.90 36.28 13.44
C ILE A 255 -21.96 37.60 14.22
N TRP A 256 -20.91 38.41 14.10
CA TRP A 256 -20.81 39.68 14.80
C TRP A 256 -20.79 40.84 13.81
N ASN A 257 -21.30 41.99 14.25
CA ASN A 257 -21.11 43.25 13.55
C ASN A 257 -19.65 43.68 13.69
N LEU A 258 -18.99 43.92 12.55
CA LEU A 258 -17.55 44.21 12.56
C LEU A 258 -17.21 45.41 13.44
N GLN A 259 -18.00 46.49 13.33
CA GLN A 259 -17.65 47.74 14.00
C GLN A 259 -18.16 47.78 15.44
N THR A 260 -19.40 47.37 15.67
CA THR A 260 -19.97 47.50 17.01
C THR A 260 -19.72 46.29 17.90
N LYS A 261 -19.30 45.16 17.32
CA LYS A 261 -18.98 43.91 18.03
C LYS A 261 -20.22 43.20 18.58
N GLU A 262 -21.44 43.66 18.27
CA GLU A 262 -22.62 42.98 18.76
C GLU A 262 -22.87 41.72 17.93
N ILE A 263 -23.32 40.66 18.62
CA ILE A 263 -23.74 39.45 17.94
C ILE A 263 -25.02 39.74 17.17
N VAL A 264 -25.01 39.46 15.87
CA VAL A 264 -26.15 39.75 15.01
C VAL A 264 -26.88 38.50 14.54
N GLN A 265 -26.26 37.31 14.62
CA GLN A 265 -26.98 36.08 14.35
C GLN A 265 -26.21 34.91 14.97
N LYS A 266 -26.94 33.89 15.35
CA LYS A 266 -26.41 32.62 15.84
C LYS A 266 -27.12 31.54 15.01
N LEU A 267 -26.36 30.75 14.27
CA LEU A 267 -26.93 29.75 13.38
C LEU A 267 -26.97 28.38 14.06
N GLN A 268 -28.17 27.81 14.18
CA GLN A 268 -28.40 26.57 14.89
C GLN A 268 -28.66 25.44 13.91
N GLY A 269 -28.15 24.25 14.24
CA GLY A 269 -28.35 23.09 13.39
C GLY A 269 -27.33 21.98 13.61
N HIS A 270 -26.06 22.34 13.77
CA HIS A 270 -25.04 21.33 13.98
C HIS A 270 -25.24 20.64 15.33
N THR A 271 -24.68 19.43 15.44
CA THR A 271 -24.81 18.63 16.65
C THR A 271 -23.44 18.33 17.28
N ASP A 272 -22.42 19.08 16.91
CA ASP A 272 -21.11 19.02 17.56
C ASP A 272 -20.40 20.33 17.29
N VAL A 273 -19.23 20.49 17.90
CA VAL A 273 -18.42 21.70 17.78
C VAL A 273 -18.29 22.09 16.33
N VAL A 274 -18.58 23.35 16.02
CA VAL A 274 -18.39 23.87 14.66
C VAL A 274 -16.95 24.37 14.59
N ILE A 275 -16.06 23.54 14.07
CA ILE A 275 -14.63 23.85 14.08
C ILE A 275 -14.23 24.73 12.91
N SER A 276 -15.02 24.74 11.84
CA SER A 276 -14.62 25.46 10.65
C SER A 276 -15.81 26.17 10.04
N THR A 277 -15.55 27.40 9.59
CA THR A 277 -16.50 28.16 8.79
C THR A 277 -15.73 28.78 7.64
N ALA A 278 -16.47 29.07 6.57
CA ALA A 278 -15.91 29.73 5.40
C ALA A 278 -16.99 30.61 4.81
N CYS A 279 -16.57 31.74 4.25
CA CYS A 279 -17.47 32.71 3.65
C CYS A 279 -17.22 32.77 2.15
N HIS A 280 -18.30 32.64 1.39
CA HIS A 280 -18.17 32.59 -0.05
C HIS A 280 -17.60 33.92 -0.58
N PRO A 281 -16.79 33.88 -1.63
CA PRO A 281 -16.12 35.11 -2.07
C PRO A 281 -17.03 36.14 -2.73
N THR A 282 -18.16 35.72 -3.27
CA THR A 282 -19.05 36.67 -3.92
C THR A 282 -20.49 36.68 -3.48
N GLU A 283 -20.97 35.55 -3.01
CA GLU A 283 -22.36 35.39 -2.53
C GLU A 283 -22.48 35.25 -1.01
N ASN A 284 -23.54 35.77 -0.44
CA ASN A 284 -23.70 35.78 1.02
C ASN A 284 -24.04 34.35 1.44
N ILE A 285 -23.01 33.53 1.38
CA ILE A 285 -23.10 32.10 1.67
C ILE A 285 -22.02 31.75 2.68
N ILE A 286 -22.41 31.00 3.71
CA ILE A 286 -21.48 30.47 4.71
C ILE A 286 -21.50 28.94 4.61
N ALA A 287 -20.31 28.33 4.72
CA ALA A 287 -20.18 26.90 4.94
C ALA A 287 -19.69 26.70 6.37
N SER A 288 -20.25 25.70 7.05
CA SER A 288 -19.83 25.35 8.40
C SER A 288 -19.62 23.85 8.48
N ALA A 289 -18.73 23.41 9.36
CA ALA A 289 -18.42 22.00 9.46
C ALA A 289 -18.18 21.65 10.93
N ALA A 290 -18.55 20.42 11.30
CA ALA A 290 -18.58 20.05 12.72
C ALA A 290 -17.84 18.73 12.97
N LEU A 291 -17.63 18.47 14.26
CA LEU A 291 -16.82 17.35 14.71
C LEU A 291 -17.63 16.06 14.71
N GLU A 292 -17.11 15.01 15.34
CA GLU A 292 -17.50 13.65 14.92
C GLU A 292 -18.87 13.21 15.41
N ASN A 293 -19.54 13.93 16.32
CA ASN A 293 -20.95 13.61 16.56
C ASN A 293 -21.85 14.10 15.45
N ASP A 294 -21.31 14.88 14.52
CA ASP A 294 -22.08 15.51 13.46
C ASP A 294 -21.57 15.08 12.09
N LYS A 295 -20.31 15.35 11.77
CA LYS A 295 -19.60 14.94 10.56
C LYS A 295 -20.18 15.55 9.29
N THR A 296 -21.05 16.54 9.38
CA THR A 296 -21.62 17.12 8.17
C THR A 296 -21.12 18.55 7.97
N ILE A 297 -21.32 19.02 6.74
CA ILE A 297 -21.09 20.39 6.34
C ILE A 297 -22.45 21.00 6.06
N LYS A 298 -22.65 22.24 6.47
CA LYS A 298 -23.89 22.94 6.19
C LYS A 298 -23.61 24.19 5.38
N LEU A 299 -24.49 24.46 4.42
CA LEU A 299 -24.42 25.66 3.59
C LEU A 299 -25.61 26.55 3.92
N TRP A 300 -25.33 27.82 4.19
CA TRP A 300 -26.33 28.79 4.61
C TRP A 300 -26.30 29.97 3.64
N LYS A 301 -27.46 30.63 3.48
CA LYS A 301 -27.56 31.75 2.55
C LYS A 301 -28.33 32.88 3.22
N SER A 302 -27.85 34.10 3.04
CA SER A 302 -28.46 35.31 3.58
C SER A 302 -28.81 36.28 2.46
N ASP A 303 -29.83 37.10 2.69
CA ASP A 303 -30.16 38.18 1.76
C ASP A 303 -29.21 39.38 1.87
N CYS A 304 -28.42 39.46 2.94
CA CYS A 304 -27.49 40.57 3.10
C CYS A 304 -26.29 40.15 3.95
N VAL B 1 -10.75 -10.57 -9.17
CA VAL B 1 -10.79 -10.52 -7.71
C VAL B 1 -10.50 -11.89 -7.11
N LYS B 2 -11.24 -12.91 -7.57
CA LYS B 2 -11.08 -14.26 -7.06
C LYS B 2 -11.22 -15.27 -8.19
N PRO B 3 -10.37 -16.28 -8.24
CA PRO B 3 -10.53 -17.32 -9.25
C PRO B 3 -11.72 -18.21 -8.92
N ASN B 4 -12.09 -19.06 -9.88
CA ASN B 4 -13.18 -20.01 -9.66
C ASN B 4 -12.79 -21.38 -10.22
N TYR B 5 -11.62 -21.88 -9.80
CA TYR B 5 -11.17 -23.20 -10.22
C TYR B 5 -12.21 -24.27 -9.88
N ALA B 6 -12.56 -25.08 -10.87
CA ALA B 6 -13.48 -26.19 -10.69
C ALA B 6 -12.89 -27.45 -11.30
N LEU B 7 -13.28 -28.60 -10.74
CA LEU B 7 -12.70 -29.87 -11.15
C LEU B 7 -13.13 -30.25 -12.56
N LYS B 8 -12.18 -30.65 -13.38
CA LYS B 8 -12.45 -31.11 -14.75
C LYS B 8 -12.14 -32.58 -14.97
N PHE B 9 -11.06 -33.10 -14.39
CA PHE B 9 -10.66 -34.49 -14.56
C PHE B 9 -9.95 -34.98 -13.32
N THR B 10 -10.11 -36.27 -13.03
CA THR B 10 -9.30 -36.99 -12.05
C THR B 10 -8.55 -38.09 -12.78
N LEU B 11 -7.24 -38.12 -12.60
CA LEU B 11 -6.36 -38.98 -13.39
C LEU B 11 -5.88 -40.11 -12.48
N ALA B 12 -6.36 -41.32 -12.75
CA ALA B 12 -6.01 -42.50 -11.96
C ALA B 12 -5.07 -43.40 -12.75
N GLY B 13 -4.13 -44.03 -12.04
CA GLY B 13 -3.21 -44.92 -12.71
C GLY B 13 -1.99 -45.28 -11.89
N HIS B 14 -1.44 -44.32 -11.15
CA HIS B 14 -0.33 -44.62 -10.26
C HIS B 14 -0.80 -45.55 -9.15
N THR B 15 0.11 -46.42 -8.69
CA THR B 15 -0.25 -47.42 -7.70
C THR B 15 0.29 -47.11 -6.32
N LYS B 16 1.07 -46.04 -6.18
CA LYS B 16 1.52 -45.51 -4.89
C LYS B 16 1.38 -44.00 -4.93
N ALA B 17 1.84 -43.35 -3.85
CA ALA B 17 1.78 -41.89 -3.74
C ALA B 17 2.34 -41.21 -4.98
N VAL B 18 1.66 -40.17 -5.45
CA VAL B 18 2.17 -39.35 -6.54
C VAL B 18 2.98 -38.20 -5.93
N SER B 19 4.21 -38.02 -6.42
CA SER B 19 5.13 -37.09 -5.77
C SER B 19 5.24 -35.75 -6.47
N SER B 20 5.04 -35.69 -7.79
CA SER B 20 5.31 -34.47 -8.52
C SER B 20 4.51 -34.47 -9.82
N VAL B 21 3.94 -33.31 -10.16
CA VAL B 21 3.30 -33.12 -11.46
C VAL B 21 3.88 -31.86 -12.09
N LYS B 22 4.13 -31.92 -13.40
CA LYS B 22 4.72 -30.78 -14.11
C LYS B 22 4.09 -30.69 -15.49
N PHE B 23 3.67 -29.47 -15.88
CA PHE B 23 3.23 -29.23 -17.25
C PHE B 23 4.43 -29.01 -18.16
N SER B 24 4.37 -29.58 -19.37
CA SER B 24 5.42 -29.32 -20.33
C SER B 24 5.39 -27.84 -20.75
N PRO B 25 6.55 -27.27 -21.07
CA PRO B 25 6.59 -25.86 -21.45
C PRO B 25 5.70 -25.52 -22.64
N ASN B 26 5.48 -26.47 -23.56
CA ASN B 26 4.61 -26.18 -24.70
C ASN B 26 3.13 -26.33 -24.37
N GLY B 27 2.80 -26.65 -23.11
CA GLY B 27 1.43 -26.74 -22.66
C GLY B 27 0.69 -28.01 -23.00
N GLU B 28 1.30 -28.93 -23.74
N GLU B 28 1.32 -28.94 -23.72
CA GLU B 28 0.56 -30.07 -24.26
CA GLU B 28 0.61 -30.08 -24.28
C GLU B 28 0.44 -31.23 -23.27
C GLU B 28 0.46 -31.24 -23.30
N TRP B 29 1.41 -31.40 -22.37
CA TRP B 29 1.51 -32.60 -21.56
C TRP B 29 1.61 -32.28 -20.08
N LEU B 30 1.13 -33.22 -19.27
CA LEU B 30 1.42 -33.28 -17.84
C LEU B 30 2.25 -34.52 -17.59
N ALA B 31 3.37 -34.36 -16.89
CA ALA B 31 4.18 -35.49 -16.43
C ALA B 31 3.97 -35.65 -14.93
N SER B 32 3.87 -36.89 -14.49
CA SER B 32 3.74 -37.21 -13.07
C SER B 32 4.76 -38.26 -12.67
N SER B 33 5.24 -38.15 -11.43
CA SER B 33 6.13 -39.15 -10.85
C SER B 33 5.50 -39.72 -9.60
N SER B 34 5.97 -40.89 -9.19
CA SER B 34 5.34 -41.59 -8.08
C SER B 34 6.33 -42.49 -7.34
N ALA B 35 5.97 -42.82 -6.10
CA ALA B 35 6.69 -43.84 -5.36
C ALA B 35 6.61 -45.20 -6.04
N ASP B 36 5.71 -45.39 -7.01
CA ASP B 36 5.60 -46.66 -7.71
C ASP B 36 6.69 -46.84 -8.76
N LYS B 37 7.70 -45.96 -8.79
CA LYS B 37 8.87 -46.00 -9.67
C LYS B 37 8.55 -45.58 -11.10
N LEU B 38 7.36 -45.06 -11.37
CA LEU B 38 6.92 -44.79 -12.74
C LEU B 38 6.76 -43.30 -12.99
N ILE B 39 7.00 -42.92 -14.24
CA ILE B 39 6.62 -41.62 -14.78
C ILE B 39 5.45 -41.87 -15.71
N LYS B 40 4.43 -41.03 -15.62
CA LYS B 40 3.29 -41.12 -16.53
C LYS B 40 3.08 -39.78 -17.21
N ILE B 41 2.67 -39.86 -18.48
CA ILE B 41 2.42 -38.69 -19.31
C ILE B 41 0.92 -38.64 -19.60
N TRP B 42 0.33 -37.46 -19.46
CA TRP B 42 -1.10 -37.27 -19.65
C TRP B 42 -1.31 -36.04 -20.51
N GLY B 43 -2.38 -36.04 -21.30
CA GLY B 43 -2.74 -34.85 -22.03
C GLY B 43 -3.11 -33.73 -21.07
N ALA B 44 -2.51 -32.55 -21.27
CA ALA B 44 -2.70 -31.45 -20.34
C ALA B 44 -4.12 -30.91 -20.32
N TYR B 45 -4.88 -31.08 -21.42
CA TYR B 45 -6.17 -30.41 -21.55
C TYR B 45 -7.37 -31.31 -21.30
N ASP B 46 -7.30 -32.58 -21.69
CA ASP B 46 -8.38 -33.52 -21.45
C ASP B 46 -8.00 -34.62 -20.48
N GLY B 47 -6.78 -34.59 -19.93
CA GLY B 47 -6.33 -35.56 -18.97
C GLY B 47 -6.13 -36.96 -19.51
N LYS B 48 -6.15 -37.15 -20.82
CA LYS B 48 -6.08 -38.49 -21.38
C LYS B 48 -4.71 -39.09 -21.13
N PHE B 49 -4.69 -40.32 -20.60
CA PHE B 49 -3.43 -41.00 -20.37
C PHE B 49 -2.71 -41.26 -21.69
N GLU B 50 -1.42 -40.93 -21.72
CA GLU B 50 -0.61 -41.09 -22.92
C GLU B 50 0.36 -42.26 -22.83
N LYS B 51 1.22 -42.30 -21.82
CA LYS B 51 2.20 -43.37 -21.75
C LYS B 51 2.81 -43.44 -20.35
N THR B 52 3.39 -44.59 -20.06
CA THR B 52 4.18 -44.82 -18.85
C THR B 52 5.65 -44.93 -19.23
N ILE B 53 6.51 -44.29 -18.45
CA ILE B 53 7.95 -44.32 -18.66
C ILE B 53 8.57 -45.00 -17.46
N SER B 54 9.35 -46.06 -17.70
N SER B 54 9.35 -46.05 -17.70
CA SER B 54 9.82 -46.94 -16.63
CA SER B 54 9.83 -46.93 -16.64
C SER B 54 11.33 -47.16 -16.75
C SER B 54 11.33 -47.11 -16.74
N GLY B 55 11.94 -47.46 -15.60
CA GLY B 55 13.36 -47.72 -15.57
C GLY B 55 14.03 -47.51 -14.23
N HIS B 56 13.53 -46.56 -13.44
CA HIS B 56 14.09 -46.38 -12.12
C HIS B 56 13.85 -47.62 -11.27
N LYS B 57 14.76 -47.86 -10.34
CA LYS B 57 14.69 -49.05 -9.49
C LYS B 57 13.95 -48.85 -8.19
N LEU B 58 13.78 -47.61 -7.81
CA LEU B 58 13.05 -47.24 -6.61
C LEU B 58 12.17 -46.04 -6.95
N GLY B 59 11.44 -45.56 -5.94
CA GLY B 59 10.49 -44.48 -6.16
C GLY B 59 11.14 -43.19 -6.62
N ILE B 60 10.29 -42.33 -7.18
CA ILE B 60 10.71 -41.08 -7.81
C ILE B 60 10.08 -39.92 -7.05
N SER B 61 10.91 -38.92 -6.71
CA SER B 61 10.45 -37.75 -5.97
C SER B 61 10.08 -36.59 -6.88
N ASP B 62 10.68 -36.49 -8.07
CA ASP B 62 10.54 -35.27 -8.85
C ASP B 62 10.78 -35.58 -10.32
N VAL B 63 10.22 -34.71 -11.16
N VAL B 63 10.19 -34.74 -11.16
CA VAL B 63 10.41 -34.78 -12.62
CA VAL B 63 10.41 -34.74 -12.60
C VAL B 63 10.40 -33.34 -13.14
C VAL B 63 10.50 -33.31 -13.08
N ALA B 64 11.12 -33.11 -14.25
CA ALA B 64 11.21 -31.77 -14.83
C ALA B 64 11.42 -31.87 -16.33
N TRP B 65 10.90 -30.89 -17.05
CA TRP B 65 10.93 -30.83 -18.50
C TRP B 65 12.04 -29.93 -19.02
N SER B 66 12.63 -30.30 -20.15
CA SER B 66 13.45 -29.36 -20.90
C SER B 66 12.58 -28.30 -21.56
N SER B 67 13.22 -27.21 -21.96
CA SER B 67 12.46 -26.06 -22.48
C SER B 67 11.76 -26.39 -23.78
N ASP B 68 12.30 -27.31 -24.58
CA ASP B 68 11.64 -27.67 -25.82
C ASP B 68 10.62 -28.80 -25.66
N SER B 69 10.34 -29.20 -24.42
CA SER B 69 9.36 -30.23 -24.08
C SER B 69 9.74 -31.61 -24.59
N ASN B 70 10.97 -31.81 -25.05
CA ASN B 70 11.34 -33.10 -25.62
C ASN B 70 11.99 -34.04 -24.64
N LEU B 71 12.61 -33.51 -23.58
CA LEU B 71 13.30 -34.31 -22.59
C LEU B 71 12.64 -34.17 -21.23
N LEU B 72 12.78 -35.21 -20.43
CA LEU B 72 12.38 -35.20 -19.03
C LEU B 72 13.58 -35.63 -18.21
N VAL B 73 13.71 -35.09 -16.99
CA VAL B 73 14.66 -35.63 -16.02
C VAL B 73 13.87 -36.01 -14.78
N SER B 74 14.27 -37.10 -14.13
CA SER B 74 13.60 -37.61 -12.95
C SER B 74 14.63 -37.84 -11.85
N ALA B 75 14.18 -37.69 -10.59
CA ALA B 75 15.05 -37.81 -9.42
C ALA B 75 14.52 -38.94 -8.54
N SER B 76 15.38 -39.89 -8.19
CA SER B 76 14.91 -41.15 -7.59
C SER B 76 15.63 -41.54 -6.30
N ASP B 77 14.92 -42.34 -5.50
CA ASP B 77 15.52 -42.97 -4.33
C ASP B 77 16.63 -43.93 -4.69
N ASP B 78 16.74 -44.34 -5.97
CA ASP B 78 17.83 -45.21 -6.36
C ASP B 78 19.16 -44.47 -6.50
N LYS B 79 19.22 -43.21 -6.06
CA LYS B 79 20.40 -42.34 -6.00
C LYS B 79 20.77 -41.79 -7.37
N THR B 80 19.98 -42.03 -8.41
CA THR B 80 20.28 -41.53 -9.74
C THR B 80 19.23 -40.54 -10.19
N LEU B 81 19.59 -39.74 -11.18
CA LEU B 81 18.63 -39.09 -12.06
C LEU B 81 18.71 -39.78 -13.41
N LYS B 82 17.59 -39.73 -14.13
CA LYS B 82 17.57 -40.26 -15.50
C LYS B 82 17.05 -39.17 -16.42
N ILE B 83 17.69 -39.05 -17.58
CA ILE B 83 17.22 -38.18 -18.66
C ILE B 83 16.48 -39.05 -19.66
N TRP B 84 15.27 -38.63 -20.01
CA TRP B 84 14.40 -39.43 -20.86
C TRP B 84 14.08 -38.68 -22.14
N ASP B 85 14.04 -39.42 -23.24
CA ASP B 85 13.44 -38.93 -24.47
C ASP B 85 11.94 -39.21 -24.37
N VAL B 86 11.14 -38.15 -24.27
CA VAL B 86 9.72 -38.32 -23.96
C VAL B 86 9.00 -39.03 -25.11
N SER B 87 9.36 -38.72 -26.35
CA SER B 87 8.67 -39.32 -27.49
C SER B 87 8.86 -40.84 -27.52
N SER B 88 10.08 -41.32 -27.30
CA SER B 88 10.35 -42.75 -27.35
C SER B 88 10.20 -43.44 -26.00
N GLY B 89 10.21 -42.67 -24.90
CA GLY B 89 10.23 -43.25 -23.58
C GLY B 89 11.55 -43.85 -23.15
N LYS B 90 12.60 -43.67 -23.94
N LYS B 90 12.60 -43.67 -23.95
CA LYS B 90 13.88 -44.33 -23.68
CA LYS B 90 13.88 -44.31 -23.68
C LYS B 90 14.75 -43.47 -22.76
C LYS B 90 14.72 -43.46 -22.72
N CYS B 91 15.44 -44.14 -21.83
CA CYS B 91 16.41 -43.48 -20.98
C CYS B 91 17.65 -43.15 -21.79
N LEU B 92 17.96 -41.85 -21.91
CA LEU B 92 19.14 -41.42 -22.66
C LEU B 92 20.41 -41.45 -21.81
N LYS B 93 20.33 -41.04 -20.55
N LYS B 93 20.31 -41.04 -20.55
CA LYS B 93 21.48 -41.00 -19.66
CA LYS B 93 21.46 -40.98 -19.65
C LYS B 93 21.03 -41.27 -18.24
C LYS B 93 21.00 -41.31 -18.24
N THR B 94 21.87 -41.95 -17.47
CA THR B 94 21.68 -42.13 -16.05
C THR B 94 22.75 -41.32 -15.34
N LEU B 95 22.32 -40.38 -14.49
CA LEU B 95 23.21 -39.42 -13.84
C LEU B 95 23.60 -39.98 -12.49
N LYS B 96 24.84 -40.44 -12.35
CA LYS B 96 25.32 -41.11 -11.15
C LYS B 96 26.31 -40.22 -10.42
N GLY B 97 26.19 -40.18 -9.09
CA GLY B 97 27.10 -39.39 -8.28
C GLY B 97 26.60 -39.16 -6.87
N HIS B 98 25.31 -38.85 -6.72
CA HIS B 98 24.75 -38.70 -5.39
C HIS B 98 24.91 -40.00 -4.60
N SER B 99 25.07 -39.85 -3.29
CA SER B 99 25.30 -40.99 -2.40
C SER B 99 24.05 -41.37 -1.62
N ASN B 100 22.91 -40.74 -1.88
CA ASN B 100 21.65 -41.12 -1.24
C ASN B 100 20.51 -40.62 -2.14
N TYR B 101 19.29 -40.68 -1.63
CA TYR B 101 18.09 -40.35 -2.40
C TYR B 101 18.24 -39.00 -3.09
N VAL B 102 17.82 -38.93 -4.36
CA VAL B 102 17.74 -37.66 -5.06
C VAL B 102 16.31 -37.16 -4.96
N PHE B 103 16.12 -35.95 -4.43
CA PHE B 103 14.79 -35.45 -4.10
C PHE B 103 14.24 -34.45 -5.11
N CYS B 104 15.09 -33.71 -5.82
CA CYS B 104 14.59 -32.61 -6.62
C CYS B 104 15.49 -32.39 -7.83
N CYS B 105 14.91 -31.86 -8.89
CA CYS B 105 15.67 -31.66 -10.12
C CYS B 105 15.03 -30.58 -10.98
N ASN B 106 15.84 -29.99 -11.85
CA ASN B 106 15.37 -29.02 -12.83
C ASN B 106 16.40 -28.86 -13.92
N PHE B 107 15.91 -28.63 -15.15
CA PHE B 107 16.75 -28.12 -16.22
C PHE B 107 16.94 -26.62 -16.06
N ASN B 108 18.03 -26.09 -16.60
CA ASN B 108 18.09 -24.64 -16.77
C ASN B 108 17.29 -24.26 -18.01
N PRO B 109 16.96 -22.96 -18.16
CA PRO B 109 16.17 -22.57 -19.34
C PRO B 109 16.86 -22.98 -20.64
N GLN B 110 18.19 -22.79 -20.72
CA GLN B 110 18.92 -23.24 -21.90
C GLN B 110 18.77 -24.73 -22.12
N SER B 111 18.61 -25.49 -21.03
CA SER B 111 18.42 -26.94 -20.97
C SER B 111 19.66 -27.72 -21.37
N ASN B 112 20.84 -27.09 -21.30
CA ASN B 112 22.09 -27.81 -21.40
C ASN B 112 22.57 -28.31 -20.04
N LEU B 113 21.99 -27.84 -18.94
CA LEU B 113 22.35 -28.28 -17.59
C LEU B 113 21.14 -28.80 -16.84
N ILE B 114 21.41 -29.69 -15.88
CA ILE B 114 20.45 -30.14 -14.89
C ILE B 114 21.04 -29.87 -13.52
N VAL B 115 20.20 -29.38 -12.60
CA VAL B 115 20.57 -29.24 -11.19
C VAL B 115 19.75 -30.24 -10.39
N SER B 116 20.38 -30.82 -9.37
CA SER B 116 19.75 -31.82 -8.52
C SER B 116 20.08 -31.56 -7.07
N GLY B 117 19.19 -32.01 -6.19
CA GLY B 117 19.41 -31.95 -4.75
C GLY B 117 19.07 -33.26 -4.12
N SER B 118 19.78 -33.59 -3.04
CA SER B 118 19.76 -34.94 -2.51
C SER B 118 19.71 -34.95 -0.99
N PHE B 119 19.25 -36.09 -0.47
CA PHE B 119 19.39 -36.40 0.95
C PHE B 119 20.84 -36.32 1.38
N ASP B 120 21.78 -36.53 0.44
CA ASP B 120 23.20 -36.51 0.78
C ASP B 120 23.73 -35.11 1.06
N GLU B 121 22.86 -34.08 1.03
CA GLU B 121 23.11 -32.70 1.44
C GLU B 121 23.86 -31.91 0.37
N SER B 122 24.06 -32.46 -0.82
CA SER B 122 24.72 -31.74 -1.90
C SER B 122 23.73 -31.30 -2.97
N VAL B 123 24.17 -30.32 -3.74
CA VAL B 123 23.55 -29.90 -4.98
C VAL B 123 24.54 -30.21 -6.09
N ARG B 124 24.09 -30.90 -7.13
CA ARG B 124 24.96 -31.26 -8.24
C ARG B 124 24.47 -30.60 -9.53
N ILE B 125 25.42 -30.18 -10.36
CA ILE B 125 25.15 -29.59 -11.66
C ILE B 125 25.66 -30.55 -12.71
N TRP B 126 24.78 -30.95 -13.63
CA TRP B 126 25.07 -32.00 -14.61
C TRP B 126 25.02 -31.46 -16.03
N ASP B 127 25.89 -32.00 -16.88
CA ASP B 127 25.86 -31.71 -18.31
C ASP B 127 24.87 -32.65 -19.00
N VAL B 128 23.86 -32.08 -19.65
CA VAL B 128 22.82 -32.88 -20.28
C VAL B 128 23.39 -33.74 -21.39
N LYS B 129 24.26 -33.16 -22.22
CA LYS B 129 24.74 -33.85 -23.41
C LYS B 129 25.57 -35.08 -23.06
N THR B 130 26.48 -34.97 -22.08
CA THR B 130 27.34 -36.08 -21.69
C THR B 130 26.80 -36.87 -20.51
N GLY B 131 25.90 -36.30 -19.72
CA GLY B 131 25.44 -36.99 -18.53
C GLY B 131 26.43 -36.98 -17.40
N LYS B 132 27.51 -36.21 -17.49
CA LYS B 132 28.51 -36.19 -16.43
C LYS B 132 28.25 -35.05 -15.46
N CYS B 133 28.67 -35.26 -14.22
CA CYS B 133 28.55 -34.23 -13.20
C CYS B 133 29.64 -33.18 -13.40
N LEU B 134 29.23 -31.93 -13.58
CA LEU B 134 30.17 -30.83 -13.74
C LEU B 134 30.65 -30.27 -12.41
N LYS B 135 29.75 -30.15 -11.43
CA LYS B 135 30.08 -29.57 -10.14
C LYS B 135 29.28 -30.26 -9.05
N THR B 136 29.94 -30.49 -7.91
CA THR B 136 29.27 -30.91 -6.68
C THR B 136 29.41 -29.77 -5.69
N LEU B 137 28.28 -29.19 -5.30
CA LEU B 137 28.27 -28.09 -4.36
C LEU B 137 28.03 -28.62 -2.96
N PRO B 138 28.89 -28.33 -2.00
CA PRO B 138 28.63 -28.72 -0.58
C PRO B 138 27.60 -27.77 0.01
N ALA B 139 26.37 -27.94 -0.46
CA ALA B 139 25.39 -26.85 -0.39
C ALA B 139 24.78 -26.68 0.99
N HIS B 140 24.57 -27.79 1.69
CA HIS B 140 23.76 -27.76 2.90
C HIS B 140 24.27 -28.78 3.89
N SER B 141 23.72 -28.72 5.10
CA SER B 141 24.09 -29.65 6.18
C SER B 141 22.92 -30.54 6.60
N ASP B 142 21.94 -30.69 5.71
CA ASP B 142 20.78 -31.56 5.89
C ASP B 142 20.18 -31.77 4.52
N PRO B 143 19.21 -32.69 4.38
CA PRO B 143 18.67 -32.98 3.04
C PRO B 143 18.22 -31.73 2.30
N VAL B 144 18.52 -31.72 0.99
CA VAL B 144 18.13 -30.64 0.09
C VAL B 144 16.73 -30.93 -0.45
N SER B 145 15.81 -29.98 -0.22
CA SER B 145 14.40 -30.20 -0.54
C SER B 145 13.98 -29.65 -1.90
N ALA B 146 14.70 -28.67 -2.45
CA ALA B 146 14.33 -28.08 -3.74
C ALA B 146 15.53 -27.41 -4.38
N VAL B 147 15.53 -27.38 -5.72
CA VAL B 147 16.55 -26.68 -6.51
C VAL B 147 15.85 -26.08 -7.72
N HIS B 148 16.31 -24.89 -8.12
CA HIS B 148 15.64 -24.16 -9.19
C HIS B 148 16.59 -23.16 -9.81
N PHE B 149 16.60 -23.08 -11.15
CA PHE B 149 17.32 -22.04 -11.86
C PHE B 149 16.46 -20.80 -11.98
N ASN B 150 17.09 -19.64 -12.03
CA ASN B 150 16.35 -18.42 -12.31
C ASN B 150 16.05 -18.32 -13.80
N ARG B 151 15.50 -17.17 -14.21
CA ARG B 151 14.90 -17.02 -15.53
C ARG B 151 15.91 -17.12 -16.66
N ASP B 152 17.16 -16.72 -16.44
CA ASP B 152 18.16 -16.77 -17.50
C ASP B 152 19.22 -17.84 -17.25
N GLY B 153 19.04 -18.65 -16.20
CA GLY B 153 19.94 -19.74 -15.86
C GLY B 153 21.22 -19.33 -15.15
N SER B 154 21.43 -18.05 -14.87
CA SER B 154 22.66 -17.61 -14.24
C SER B 154 22.72 -17.93 -12.75
N LEU B 155 21.58 -18.20 -12.11
CA LEU B 155 21.52 -18.44 -10.68
C LEU B 155 20.78 -19.73 -10.40
N ILE B 156 21.15 -20.37 -9.28
CA ILE B 156 20.44 -21.50 -8.70
C ILE B 156 20.04 -21.13 -7.29
N VAL B 157 18.82 -21.50 -6.90
CA VAL B 157 18.42 -21.41 -5.49
C VAL B 157 18.18 -22.82 -4.97
N SER B 158 18.66 -23.08 -3.75
CA SER B 158 18.47 -24.37 -3.10
C SER B 158 17.88 -24.15 -1.72
N SER B 159 17.15 -25.15 -1.23
CA SER B 159 16.58 -25.11 0.10
C SER B 159 16.84 -26.43 0.81
N SER B 160 16.83 -26.38 2.14
CA SER B 160 17.23 -27.57 2.89
C SER B 160 16.56 -27.61 4.25
N TYR B 161 16.45 -28.83 4.78
CA TYR B 161 16.06 -29.02 6.17
C TYR B 161 16.99 -28.33 7.16
N ASP B 162 18.17 -27.89 6.73
CA ASP B 162 19.05 -27.15 7.63
C ASP B 162 18.55 -25.74 7.93
N GLY B 163 17.45 -25.32 7.29
CA GLY B 163 16.84 -24.04 7.54
C GLY B 163 17.31 -22.94 6.61
N LEU B 164 18.14 -23.25 5.63
CA LEU B 164 18.74 -22.24 4.77
C LEU B 164 18.15 -22.31 3.37
N CYS B 165 18.03 -21.15 2.75
CA CYS B 165 18.03 -21.01 1.30
C CYS B 165 19.36 -20.42 0.87
N ARG B 166 19.93 -20.96 -0.19
CA ARG B 166 21.18 -20.43 -0.70
C ARG B 166 21.04 -20.12 -2.18
N ILE B 167 21.69 -19.03 -2.61
CA ILE B 167 21.72 -18.59 -4.00
C ILE B 167 23.11 -18.87 -4.54
N TRP B 168 23.18 -19.55 -5.69
CA TRP B 168 24.44 -20.00 -6.27
C TRP B 168 24.63 -19.38 -7.64
N ASP B 169 25.89 -19.01 -7.93
CA ASP B 169 26.28 -18.62 -9.28
C ASP B 169 26.50 -19.88 -10.11
N THR B 170 25.70 -20.06 -11.16
CA THR B 170 25.73 -21.30 -11.92
C THR B 170 27.12 -21.56 -12.49
N ALA B 171 27.72 -20.54 -13.10
CA ALA B 171 28.96 -20.73 -13.84
C ALA B 171 30.10 -21.14 -12.93
N SER B 172 30.19 -20.54 -11.75
CA SER B 172 31.32 -20.77 -10.86
C SER B 172 31.02 -21.72 -9.72
N GLY B 173 29.74 -21.94 -9.40
CA GLY B 173 29.38 -22.74 -8.25
C GLY B 173 29.56 -22.05 -6.91
N GLN B 174 29.88 -20.76 -6.91
CA GLN B 174 30.06 -20.04 -5.66
C GLN B 174 28.72 -19.65 -5.06
N CYS B 175 28.67 -19.63 -3.72
CA CYS B 175 27.49 -19.20 -3.00
C CYS B 175 27.46 -17.68 -2.94
N LEU B 176 26.40 -17.09 -3.50
CA LEU B 176 26.28 -15.63 -3.54
C LEU B 176 25.53 -15.07 -2.34
N LYS B 177 24.59 -15.82 -1.79
CA LYS B 177 23.77 -15.32 -0.69
C LYS B 177 23.26 -16.50 0.11
N THR B 178 23.13 -16.31 1.42
CA THR B 178 22.54 -17.29 2.31
C THR B 178 21.45 -16.57 3.01
N LEU B 179 20.21 -17.04 2.91
CA LEU B 179 19.11 -16.40 3.59
C LEU B 179 18.88 -17.12 4.90
N ILE B 180 19.03 -16.39 5.99
CA ILE B 180 18.86 -17.00 7.28
C ILE B 180 17.75 -16.42 8.08
N ASP B 181 17.12 -17.28 8.85
CA ASP B 181 16.03 -16.93 9.74
C ASP B 181 16.46 -17.28 11.16
N ASP B 182 16.10 -16.41 12.08
CA ASP B 182 16.35 -16.56 13.50
C ASP B 182 16.13 -17.98 14.01
N ASP B 183 14.92 -18.50 13.85
CA ASP B 183 14.55 -19.85 14.31
C ASP B 183 14.79 -20.99 13.35
N ASN B 184 15.32 -20.67 12.19
CA ASN B 184 15.61 -21.63 11.12
C ASN B 184 14.87 -22.96 11.04
N PRO B 185 13.57 -22.88 10.81
CA PRO B 185 12.76 -24.05 10.59
C PRO B 185 13.11 -24.68 9.23
N PRO B 186 12.89 -25.96 9.08
CA PRO B 186 13.25 -26.60 7.81
C PRO B 186 12.57 -25.94 6.61
N VAL B 187 13.38 -25.65 5.59
CA VAL B 187 12.84 -25.09 4.35
C VAL B 187 12.54 -26.25 3.41
N SER B 188 11.27 -26.43 3.07
CA SER B 188 10.77 -27.59 2.38
C SER B 188 10.57 -27.36 0.88
N PHE B 189 10.63 -26.11 0.43
CA PHE B 189 10.45 -25.78 -0.97
C PHE B 189 10.99 -24.38 -1.21
N VAL B 190 11.55 -24.16 -2.40
CA VAL B 190 11.94 -22.81 -2.82
C VAL B 190 11.92 -22.76 -4.34
N LYS B 191 11.61 -21.57 -4.88
CA LYS B 191 11.76 -21.32 -6.30
C LYS B 191 11.87 -19.82 -6.52
N PHE B 192 12.52 -19.44 -7.61
CA PHE B 192 12.59 -18.04 -8.01
C PHE B 192 11.23 -17.55 -8.49
N SER B 193 10.96 -16.26 -8.26
CA SER B 193 9.74 -15.65 -8.76
C SER B 193 9.84 -15.39 -10.25
N PRO B 194 8.70 -15.18 -10.93
CA PRO B 194 8.75 -14.94 -12.38
C PRO B 194 9.69 -13.82 -12.80
N ASN B 195 9.77 -12.72 -12.05
CA ASN B 195 10.64 -11.63 -12.44
C ASN B 195 12.08 -11.82 -11.98
N GLY B 196 12.38 -12.92 -11.30
CA GLY B 196 13.73 -13.25 -10.89
C GLY B 196 14.24 -12.48 -9.68
N LYS B 197 13.49 -11.52 -9.17
CA LYS B 197 13.91 -10.73 -8.03
C LYS B 197 13.66 -11.40 -6.69
N TYR B 198 12.65 -12.26 -6.61
CA TYR B 198 12.23 -12.83 -5.34
C TYR B 198 12.37 -14.34 -5.36
N ILE B 199 12.27 -14.94 -4.18
CA ILE B 199 12.17 -16.38 -4.04
C ILE B 199 10.97 -16.67 -3.14
N LEU B 200 10.19 -17.67 -3.53
CA LEU B 200 9.08 -18.16 -2.73
C LEU B 200 9.55 -19.40 -1.98
N ALA B 201 9.48 -19.36 -0.65
CA ALA B 201 10.03 -20.42 0.19
C ALA B 201 8.96 -20.92 1.17
N ALA B 202 8.82 -22.24 1.25
CA ALA B 202 7.97 -22.88 2.23
C ALA B 202 8.81 -23.40 3.37
N THR B 203 8.31 -23.26 4.59
CA THR B 203 8.93 -23.82 5.78
C THR B 203 7.91 -24.70 6.48
N LEU B 204 8.40 -25.70 7.21
CA LEU B 204 7.53 -26.68 7.86
C LEU B 204 6.89 -26.14 9.15
N ASP B 205 6.52 -24.87 9.12
CA ASP B 205 5.72 -24.23 10.16
C ASP B 205 4.48 -23.58 9.57
N ASN B 206 3.90 -24.21 8.54
CA ASN B 206 2.63 -23.78 7.94
C ASN B 206 2.74 -22.38 7.34
N THR B 207 3.87 -22.08 6.71
CA THR B 207 4.15 -20.72 6.25
C THR B 207 4.83 -20.74 4.89
N LEU B 208 4.32 -19.94 3.96
CA LEU B 208 5.00 -19.61 2.73
C LEU B 208 5.46 -18.15 2.82
N LYS B 209 6.66 -17.87 2.31
CA LYS B 209 7.22 -16.53 2.40
C LYS B 209 7.78 -16.10 1.05
N LEU B 210 7.53 -14.86 0.68
CA LEU B 210 8.13 -14.27 -0.51
C LEU B 210 9.27 -13.36 -0.06
N TRP B 211 10.50 -13.70 -0.46
CA TRP B 211 11.69 -12.99 -0.02
C TRP B 211 12.31 -12.19 -1.16
N ASP B 212 12.67 -10.95 -0.88
CA ASP B 212 13.65 -10.24 -1.71
C ASP B 212 15.02 -10.74 -1.27
N TYR B 213 15.58 -11.65 -2.01
CA TYR B 213 16.82 -12.28 -1.62
C TYR B 213 18.04 -11.39 -1.57
N SER B 214 18.05 -10.39 -2.42
CA SER B 214 19.16 -9.47 -2.42
C SER B 214 19.23 -8.65 -1.16
N LYS B 215 18.09 -8.22 -0.67
CA LYS B 215 18.07 -7.45 0.57
C LYS B 215 17.88 -8.29 1.79
N GLY B 216 17.50 -9.54 1.60
CA GLY B 216 17.21 -10.41 2.73
C GLY B 216 15.99 -10.00 3.51
N LYS B 217 14.96 -9.48 2.85
CA LYS B 217 13.77 -8.99 3.51
C LYS B 217 12.55 -9.77 3.04
N CYS B 218 11.69 -10.14 3.98
CA CYS B 218 10.45 -10.82 3.66
C CYS B 218 9.39 -9.80 3.24
N LEU B 219 8.81 -9.99 2.07
CA LEU B 219 7.82 -9.07 1.55
C LEU B 219 6.39 -9.53 1.79
N LYS B 220 6.13 -10.84 1.74
CA LYS B 220 4.80 -11.38 1.90
C LYS B 220 4.88 -12.69 2.68
N THR B 221 3.83 -12.99 3.42
CA THR B 221 3.68 -14.26 4.11
C THR B 221 2.29 -14.81 3.78
N TYR B 222 2.23 -16.10 3.46
CA TYR B 222 0.98 -16.76 3.11
C TYR B 222 0.74 -17.91 4.08
N THR B 223 -0.38 -17.84 4.80
CA THR B 223 -0.68 -18.82 5.85
C THR B 223 -2.15 -19.24 5.75
N GLY B 224 -2.53 -20.15 6.65
CA GLY B 224 -3.86 -20.70 6.71
C GLY B 224 -3.93 -22.17 6.33
N HIS B 225 -2.94 -22.67 5.60
CA HIS B 225 -2.87 -24.08 5.23
C HIS B 225 -2.10 -24.86 6.29
N LYS B 226 -1.95 -26.17 6.04
CA LYS B 226 -1.29 -27.09 6.95
C LYS B 226 -0.04 -27.63 6.26
N ASN B 227 1.13 -27.34 6.81
CA ASN B 227 2.37 -27.85 6.23
C ASN B 227 3.43 -27.92 7.35
N GLU B 228 3.48 -29.08 8.02
CA GLU B 228 4.45 -29.32 9.07
C GLU B 228 5.26 -30.58 8.85
N LYS B 229 4.96 -31.34 7.83
CA LYS B 229 5.59 -32.62 7.61
C LYS B 229 6.21 -32.93 6.25
N TYR B 230 5.50 -32.56 5.19
CA TYR B 230 5.91 -32.93 3.84
C TYR B 230 6.49 -31.74 3.08
N CYS B 231 7.37 -32.05 2.13
CA CYS B 231 7.89 -31.03 1.23
C CYS B 231 6.89 -30.83 0.11
N ILE B 232 6.06 -29.79 0.26
CA ILE B 232 4.95 -29.51 -0.63
C ILE B 232 5.37 -28.42 -1.62
N PHE B 233 5.17 -28.70 -2.90
CA PHE B 233 5.52 -27.75 -3.96
C PHE B 233 4.56 -26.56 -3.94
N ALA B 234 5.07 -25.40 -4.34
CA ALA B 234 4.22 -24.22 -4.47
C ALA B 234 4.49 -23.55 -5.83
N ASN B 235 3.55 -22.69 -6.24
CA ASN B 235 3.64 -22.09 -7.55
C ASN B 235 3.17 -20.65 -7.55
N PHE B 236 3.70 -19.89 -8.52
CA PHE B 236 3.10 -18.64 -8.95
C PHE B 236 2.16 -18.95 -10.11
N SER B 237 0.93 -18.44 -10.04
CA SER B 237 -0.01 -18.57 -11.16
C SER B 237 0.02 -17.27 -11.95
N VAL B 238 0.49 -17.33 -13.19
CA VAL B 238 0.83 -16.14 -13.97
C VAL B 238 -0.07 -15.93 -15.18
N THR B 239 -1.05 -16.80 -15.41
CA THR B 239 -1.85 -16.73 -16.64
C THR B 239 -3.06 -15.81 -16.51
N GLY B 240 -3.64 -15.72 -15.32
CA GLY B 240 -4.75 -14.82 -15.09
C GLY B 240 -4.45 -13.90 -13.93
N GLY B 241 -5.29 -13.92 -12.89
CA GLY B 241 -4.97 -13.17 -11.70
C GLY B 241 -3.69 -13.68 -11.05
N LYS B 242 -3.04 -12.79 -10.30
CA LYS B 242 -1.75 -13.12 -9.71
C LYS B 242 -1.99 -13.85 -8.39
N TRP B 243 -1.81 -15.18 -8.41
CA TRP B 243 -2.05 -16.01 -7.25
C TRP B 243 -0.78 -16.75 -6.85
N ILE B 244 -0.77 -17.18 -5.59
CA ILE B 244 0.12 -18.21 -5.08
C ILE B 244 -0.71 -19.46 -4.88
N VAL B 245 -0.18 -20.61 -5.31
CA VAL B 245 -0.88 -21.89 -5.24
C VAL B 245 -0.02 -22.89 -4.48
N SER B 246 -0.64 -23.63 -3.56
CA SER B 246 0.09 -24.67 -2.84
C SER B 246 -0.86 -25.76 -2.39
N GLY B 247 -0.34 -26.99 -2.33
CA GLY B 247 -1.02 -28.06 -1.64
C GLY B 247 -0.95 -27.89 -0.14
N SER B 248 -1.56 -28.84 0.56
CA SER B 248 -1.72 -28.71 2.00
C SER B 248 -1.97 -30.09 2.59
N GLU B 249 -1.61 -30.23 3.86
CA GLU B 249 -1.75 -31.49 4.55
C GLU B 249 -3.17 -31.74 5.08
N ASP B 250 -4.09 -30.80 4.86
CA ASP B 250 -5.51 -31.05 5.08
C ASP B 250 -6.23 -31.47 3.80
N ASN B 251 -5.48 -31.92 2.79
CA ASN B 251 -5.98 -32.49 1.54
C ASN B 251 -6.58 -31.45 0.60
N LEU B 252 -6.28 -30.18 0.80
CA LEU B 252 -6.83 -29.10 -0.02
C LEU B 252 -5.73 -28.42 -0.83
N VAL B 253 -6.14 -27.81 -1.95
CA VAL B 253 -5.30 -26.87 -2.68
C VAL B 253 -5.65 -25.46 -2.21
N TYR B 254 -4.63 -24.72 -1.77
CA TYR B 254 -4.81 -23.34 -1.32
C TYR B 254 -4.37 -22.37 -2.42
N ILE B 255 -5.13 -21.29 -2.58
CA ILE B 255 -4.82 -20.23 -3.55
C ILE B 255 -4.91 -18.89 -2.83
N TRP B 256 -3.85 -18.09 -2.91
CA TRP B 256 -3.77 -16.80 -2.23
C TRP B 256 -3.66 -15.67 -3.23
N ASN B 257 -4.17 -14.51 -2.83
CA ASN B 257 -3.89 -13.27 -3.54
C ASN B 257 -2.45 -12.87 -3.30
N LEU B 258 -1.69 -12.68 -4.39
CA LEU B 258 -0.26 -12.39 -4.28
C LEU B 258 0.00 -11.15 -3.43
N GLN B 259 -0.77 -10.08 -3.63
CA GLN B 259 -0.49 -8.81 -2.96
C GLN B 259 -1.11 -8.72 -1.57
N THR B 260 -2.35 -9.16 -1.39
CA THR B 260 -3.02 -8.98 -0.11
C THR B 260 -2.77 -10.13 0.84
N LYS B 261 -2.27 -11.26 0.34
CA LYS B 261 -1.97 -12.47 1.09
C LYS B 261 -3.23 -13.18 1.56
N GLU B 262 -4.40 -12.73 1.15
CA GLU B 262 -5.66 -13.35 1.53
C GLU B 262 -5.89 -14.63 0.74
N ILE B 263 -6.42 -15.65 1.41
CA ILE B 263 -6.87 -16.85 0.72
C ILE B 263 -8.06 -16.52 -0.16
N VAL B 264 -7.97 -16.87 -1.45
CA VAL B 264 -9.03 -16.59 -2.40
C VAL B 264 -9.78 -17.83 -2.86
N GLN B 265 -9.22 -19.03 -2.68
CA GLN B 265 -9.94 -20.24 -3.00
C GLN B 265 -9.29 -21.43 -2.30
N LYS B 266 -10.07 -22.44 -2.00
CA LYS B 266 -9.62 -23.69 -1.42
C LYS B 266 -10.25 -24.80 -2.25
N LEU B 267 -9.46 -25.64 -2.91
CA LEU B 267 -9.98 -26.68 -3.79
C LEU B 267 -10.09 -28.00 -3.02
N GLN B 268 -11.31 -28.55 -2.98
CA GLN B 268 -11.61 -29.75 -2.20
C GLN B 268 -11.85 -30.93 -3.13
N GLY B 269 -11.38 -32.11 -2.73
CA GLY B 269 -11.57 -33.29 -3.55
C GLY B 269 -10.59 -34.40 -3.28
N HIS B 270 -9.32 -34.07 -3.07
CA HIS B 270 -8.33 -35.09 -2.78
C HIS B 270 -8.62 -35.75 -1.43
N THR B 271 -8.11 -36.97 -1.26
CA THR B 271 -8.31 -37.74 -0.04
C THR B 271 -7.00 -38.06 0.67
N ASP B 272 -5.94 -37.31 0.38
CA ASP B 272 -4.67 -37.39 1.10
C ASP B 272 -3.92 -36.08 0.85
N VAL B 273 -2.77 -35.95 1.52
CA VAL B 273 -1.94 -34.75 1.40
C VAL B 273 -1.71 -34.43 -0.06
N VAL B 274 -1.95 -33.18 -0.43
CA VAL B 274 -1.67 -32.69 -1.78
C VAL B 274 -0.23 -32.21 -1.77
N ILE B 275 0.69 -33.08 -2.20
CA ILE B 275 2.10 -32.77 -2.11
C ILE B 275 2.60 -31.95 -3.31
N SER B 276 1.86 -31.95 -4.42
CA SER B 276 2.34 -31.27 -5.61
C SER B 276 1.19 -30.55 -6.30
N THR B 277 1.49 -29.34 -6.77
CA THR B 277 0.60 -28.58 -7.64
C THR B 277 1.45 -28.03 -8.77
N ALA B 278 0.79 -27.75 -9.89
CA ALA B 278 1.42 -27.19 -11.08
C ALA B 278 0.43 -26.29 -11.78
N CYS B 279 0.95 -25.24 -12.41
CA CYS B 279 0.12 -24.26 -13.11
C CYS B 279 0.45 -24.28 -14.59
N HIS B 280 -0.60 -24.36 -15.42
CA HIS B 280 -0.40 -24.47 -16.85
C HIS B 280 0.25 -23.19 -17.39
N PRO B 281 1.11 -23.31 -18.41
CA PRO B 281 1.87 -22.13 -18.86
C PRO B 281 1.06 -21.08 -19.61
N THR B 282 -0.10 -21.43 -20.17
CA THR B 282 -0.86 -20.42 -20.91
C THR B 282 -2.32 -20.32 -20.46
N GLU B 283 -2.89 -21.43 -19.99
CA GLU B 283 -4.27 -21.46 -19.53
C GLU B 283 -4.36 -21.44 -18.01
N ASN B 284 -5.52 -20.98 -17.51
CA ASN B 284 -5.82 -20.97 -16.08
C ASN B 284 -6.22 -22.39 -15.65
N ILE B 285 -5.20 -23.27 -15.62
CA ILE B 285 -5.37 -24.68 -15.31
C ILE B 285 -4.37 -25.07 -14.23
N ILE B 286 -4.84 -25.76 -13.19
CA ILE B 286 -4.01 -26.28 -12.12
C ILE B 286 -4.06 -27.80 -12.15
N ALA B 287 -2.92 -28.44 -11.94
CA ALA B 287 -2.86 -29.87 -11.65
C ALA B 287 -2.44 -30.05 -10.20
N SER B 288 -3.07 -30.99 -9.52
CA SER B 288 -2.73 -31.32 -8.14
C SER B 288 -2.57 -32.83 -8.01
N ALA B 289 -1.72 -33.25 -7.07
CA ALA B 289 -1.44 -34.67 -6.89
C ALA B 289 -1.28 -34.98 -5.41
N ALA B 290 -1.70 -36.18 -5.01
CA ALA B 290 -1.82 -36.54 -3.61
C ALA B 290 -1.14 -37.88 -3.29
N LEU B 291 -1.01 -38.13 -1.98
CA LEU B 291 -0.24 -39.24 -1.45
C LEU B 291 -1.08 -40.52 -1.46
N GLU B 292 -0.61 -41.57 -0.76
CA GLU B 292 -1.02 -42.92 -1.12
C GLU B 292 -2.43 -43.31 -0.69
N ASN B 293 -3.12 -42.53 0.15
CA ASN B 293 -4.54 -42.79 0.35
C ASN B 293 -5.37 -42.30 -0.85
N ASP B 294 -4.75 -41.60 -1.78
CA ASP B 294 -5.43 -40.98 -2.91
C ASP B 294 -4.87 -41.46 -4.24
N LYS B 295 -3.58 -41.25 -4.49
N LYS B 295 -3.58 -41.24 -4.49
CA LYS B 295 -2.85 -41.72 -5.67
CA LYS B 295 -2.83 -41.71 -5.67
C LYS B 295 -3.34 -41.13 -6.98
C LYS B 295 -3.29 -41.09 -6.98
N THR B 296 -4.14 -40.06 -6.96
CA THR B 296 -4.65 -39.48 -8.20
C THR B 296 -4.11 -38.08 -8.43
N ILE B 297 -4.26 -37.66 -9.68
CA ILE B 297 -3.99 -36.30 -10.13
C ILE B 297 -5.33 -35.69 -10.53
N LYS B 298 -5.54 -34.42 -10.16
CA LYS B 298 -6.75 -33.71 -10.55
C LYS B 298 -6.40 -32.49 -11.36
N LEU B 299 -7.22 -32.21 -12.38
CA LEU B 299 -7.09 -31.05 -13.25
C LEU B 299 -8.25 -30.09 -12.99
N TRP B 300 -7.92 -28.83 -12.77
CA TRP B 300 -8.89 -27.79 -12.42
C TRP B 300 -8.78 -26.65 -13.42
N LYS B 301 -9.89 -25.94 -13.64
CA LYS B 301 -9.94 -24.83 -14.59
C LYS B 301 -10.67 -23.63 -14.00
N SER B 302 -10.10 -22.45 -14.22
CA SER B 302 -10.68 -21.20 -13.75
C SER B 302 -10.93 -20.26 -14.93
N ASP B 303 -11.95 -19.42 -14.79
CA ASP B 303 -12.21 -18.38 -15.78
C ASP B 303 -11.24 -17.20 -15.67
N CYS B 304 -10.51 -17.09 -14.56
CA CYS B 304 -9.55 -16.01 -14.37
C CYS B 304 -8.42 -16.43 -13.43
C06 Q1P C . -13.07 48.44 10.18
C18 Q1P C . -14.72 43.73 5.11
C16 Q1P C . -14.50 43.37 6.44
C15 Q1P C . -13.38 43.83 7.14
C19 Q1P C . -13.78 44.54 4.45
C20 Q1P C . -12.66 44.99 5.13
C24 Q1P C . -13.15 48.25 7.38
C11 Q1P C . -12.12 47.60 8.09
C02 Q1P C . -15.26 49.68 7.37
C03 Q1P C . -14.14 48.98 8.05
C04 Q1P C . -14.08 49.07 9.44
O01 Q1P C . -15.23 49.49 6.03
F05 Q1P C . -15.00 49.76 10.10
C07 Q1P C . -13.02 48.55 11.69
C08 Q1P C . -12.86 47.30 12.51
C09 Q1P C . -11.74 48.29 12.43
C10 Q1P C . -12.09 47.71 9.48
N12 Q1P C . -11.16 46.86 7.36
S13 Q1P C . -11.04 45.20 7.33
C14 Q1P C . -12.46 44.62 6.46
BR7 Q1P C . -15.74 42.27 7.35
O21 Q1P C . -11.77 45.78 4.46
O22 Q1P C . -9.89 44.80 6.52
O23 Q1P C . -11.18 44.72 8.69
O25 Q1P C . -13.15 48.11 6.01
O26 Q1P C . -16.12 50.38 7.89
C01 Q1S D . -7.98 19.41 14.56
N02 Q1S D . -6.80 19.96 14.07
C03 Q1S D . -5.95 20.88 14.72
C04 Q1S D . -5.25 20.50 15.86
C05 Q1S D . -4.42 21.42 16.50
C06 Q1S D . -4.27 22.72 16.03
C07 Q1S D . -4.98 23.11 14.88
C08 Q1S D . -5.82 22.21 14.21
N09 Q1S D . -6.52 22.63 13.10
C10 Q1S D . -7.98 22.65 13.21
C11 Q1S D . -8.68 22.86 11.85
N12 Q1S D . -8.16 24.04 11.13
C13 Q1S D . -6.69 24.02 11.01
C14 Q1S D . -5.95 23.76 12.34
C15 Q1S D . -8.65 18.37 13.88
C16 Q1S D . -9.85 17.89 14.47
C17 Q1S D . -10.30 18.45 15.67
C18 Q1S D . -9.57 19.46 16.24
N19 Q1S D . -8.43 19.95 15.71
C20 Q1S D . -8.23 17.77 12.68
C21 Q1S D . -8.96 16.73 12.09
C22 Q1S D . -10.13 16.29 12.67
C23 Q1S D . -10.57 16.86 13.86
N24 Q1S D . -3.70 20.98 17.69
O25 Q1S D . -3.97 19.86 18.16
O26 Q1S D . -2.89 21.78 18.18
C27 Q1S D . -8.80 24.22 9.82
C06 Q1P E . 4.36 -8.31 -6.43
C18 Q1P E . 3.04 -13.09 -11.53
C16 Q1P E . 3.14 -13.43 -10.18
C15 Q1P E . 4.22 -12.98 -9.41
C19 Q1P E . 4.03 -12.29 -12.12
C20 Q1P E . 5.11 -11.85 -11.36
C24 Q1P E . 4.45 -8.61 -9.22
C11 Q1P E . 5.44 -9.21 -8.42
C02 Q1P E . 2.36 -7.23 -9.48
C03 Q1P E . 3.42 -7.87 -8.65
C04 Q1P E . 3.38 -7.73 -7.26
O01 Q1P E . 2.68 -7.31 -10.80
F05 Q1P E . 2.41 -7.02 -6.68
C07 Q1P E . 4.32 -8.15 -4.93
C08 Q1P E . 4.24 -9.38 -4.06
C09 Q1P E . 5.51 -8.58 -4.09
C10 Q1P E . 5.38 -9.05 -7.04
N12 Q1P E . 6.44 -9.96 -9.09
S13 Q1P E . 6.57 -11.62 -9.06
C14 Q1P E . 5.20 -12.19 -10.01
BR7 Q1P E . 1.82 -14.50 -9.36
O21 Q1P E . 6.05 -11.08 -11.98
O22 Q1P E . 7.75 -12.04 -9.78
O23 Q1P E . 6.33 -12.09 -7.70
O25 Q1P E . 4.54 -8.80 -10.58
O26 Q1P E . 1.34 -6.69 -9.11
C01 Q1S F . 8.67 -37.33 -1.07
N02 Q1S F . 9.88 -36.80 -1.50
C03 Q1S F . 10.68 -35.84 -0.85
C04 Q1S F . 11.29 -36.18 0.36
C05 Q1S F . 12.08 -35.24 1.02
C06 Q1S F . 12.29 -33.96 0.51
C07 Q1S F . 11.66 -33.62 -0.70
C08 Q1S F . 10.87 -34.54 -1.38
N09 Q1S F . 10.26 -34.15 -2.56
C10 Q1S F . 8.79 -34.23 -2.59
C11 Q1S F . 8.21 -34.03 -4.00
N12 Q1S F . 8.70 -32.81 -4.64
C13 Q1S F . 10.18 -32.78 -4.67
C14 Q1S F . 10.86 -33.03 -3.30
C15 Q1S F . 8.03 -38.38 -1.78
C16 Q1S F . 6.80 -38.85 -1.29
C17 Q1S F . 6.26 -38.29 -0.13
C18 Q1S F . 6.95 -37.27 0.49
N19 Q1S F . 8.12 -36.78 0.05
C20 Q1S F . 8.57 -38.99 -2.94
C21 Q1S F . 7.90 -40.02 -3.58
C22 Q1S F . 6.67 -40.47 -3.09
C23 Q1S F . 6.13 -39.89 -1.95
N24 Q1S F . 12.72 -35.62 2.27
O25 Q1S F . 12.38 -36.70 2.79
O26 Q1S F . 13.54 -34.83 2.76
C27 Q1S F . 8.18 -32.73 -6.01
#